data_5ZOK
#
_entry.id   5ZOK
#
_cell.length_a   187.050
_cell.length_b   187.050
_cell.length_c   187.050
_cell.angle_alpha   90.000
_cell.angle_beta   90.000
_cell.angle_gamma   90.000
#
_symmetry.space_group_name_H-M   'P 41 3 2'
#
loop_
_entity.id
_entity.type
_entity.pdbx_description
1 polymer 'Mothers against decapentaplegic homolog 1'
2 polymer 'Inner nuclear membrane protein Man1'
#
loop_
_entity_poly.entity_id
_entity_poly.type
_entity_poly.pdbx_seq_one_letter_code
_entity_poly.pdbx_strand_id
1 'polypeptide(L)'
;GPDVQAVAYEEPKHWCSIVYYELNNRVGEAFHASSTSVLVDGFTDPSNNKNRFCLGLLSNVNRNSTIENTRRHIGKGVHL
YYVGGEVYAECLSDSSIFVQSRNCNYHHGFHPTTVCKIPSGCSLKIFNNQEFAQLLAQSVNHGFETVYELTKMCTIRMSF
VKGWGAEYHRQDVTSTPCWIEIHLHGPLQWLDKVLTQMGSPHNPISEVE
;
A,C
2 'polypeptide(L)'
;GPGSKVWQGQAFHLDRRNSPPNSLTPCLKIRNMFDPVMEIGDQWHLAIQEAILEKCSDNDGIVHIAVDKNSREGCVYVKC
LSPEYAGKAFKALHGSWFDGKLVTVKYLRLDRYHHRFPQALTSNTPLKPSNK
;
B,D
#
# COMPACT_ATOMS: atom_id res chain seq x y z
N GLU A 10 -31.57 18.65 -2.46
CA GLU A 10 -32.34 19.64 -1.72
C GLU A 10 -31.45 20.33 -0.69
N GLU A 11 -31.71 21.63 -0.45
CA GLU A 11 -30.82 22.39 0.41
C GLU A 11 -31.43 22.73 1.75
N PRO A 12 -30.63 22.69 2.82
CA PRO A 12 -31.14 22.97 4.17
C PRO A 12 -31.20 24.48 4.44
N LYS A 13 -31.88 24.83 5.53
CA LYS A 13 -31.95 26.24 5.93
C LYS A 13 -30.56 26.79 6.18
N HIS A 14 -29.76 26.10 6.99
CA HIS A 14 -28.38 26.44 7.24
C HIS A 14 -27.52 25.28 6.78
N TRP A 15 -26.44 25.55 6.06
CA TRP A 15 -25.64 24.45 5.53
C TRP A 15 -24.79 23.79 6.61
N CYS A 16 -24.50 24.50 7.70
CA CYS A 16 -23.89 23.86 8.85
C CYS A 16 -24.24 24.62 10.11
N SER A 17 -24.05 23.94 11.24
CA SER A 17 -24.09 24.57 12.55
C SER A 17 -22.83 24.15 13.30
N ILE A 18 -22.31 25.07 14.10
CA ILE A 18 -21.03 24.87 14.76
C ILE A 18 -21.20 25.05 16.26
N VAL A 19 -20.46 24.26 17.04
CA VAL A 19 -20.48 24.32 18.50
C VAL A 19 -19.05 24.30 19.01
N TYR A 20 -18.75 25.18 19.96
CA TYR A 20 -17.41 25.39 20.47
C TYR A 20 -17.25 24.74 21.84
N TYR A 21 -16.12 24.05 22.02
CA TYR A 21 -15.80 23.37 23.27
C TYR A 21 -14.48 23.89 23.81
N GLU A 22 -14.31 23.80 25.12
CA GLU A 22 -13.01 23.95 25.78
C GLU A 22 -12.77 22.73 26.64
N LEU A 23 -11.81 21.89 26.24
CA LEU A 23 -11.59 20.57 26.83
C LEU A 23 -12.89 19.80 26.68
N ASN A 24 -13.49 19.30 27.78
CA ASN A 24 -14.71 18.51 27.69
C ASN A 24 -15.98 19.32 27.95
N ASN A 25 -15.89 20.64 27.96
CA ASN A 25 -17.03 21.51 28.29
C ASN A 25 -17.48 22.27 27.06
N ARG A 26 -18.78 22.24 26.79
CA ARG A 26 -19.36 23.10 25.79
C ARG A 26 -19.34 24.55 26.26
N VAL A 27 -19.02 25.47 25.36
CA VAL A 27 -18.89 26.88 25.70
C VAL A 27 -19.70 27.73 24.71
N GLY A 28 -20.59 28.56 25.24
CA GLY A 28 -21.36 29.47 24.42
C GLY A 28 -22.54 28.81 23.75
N GLU A 29 -23.27 29.60 22.98
CA GLU A 29 -24.40 29.08 22.22
C GLU A 29 -23.91 28.51 20.90
N ALA A 30 -24.77 27.70 20.27
CA ALA A 30 -24.45 27.15 18.97
C ALA A 30 -24.52 28.23 17.90
N PHE A 31 -23.73 28.06 16.86
CA PHE A 31 -23.69 28.97 15.72
C PHE A 31 -24.34 28.30 14.52
N HIS A 32 -25.18 29.06 13.82
CA HIS A 32 -25.89 28.59 12.64
C HIS A 32 -25.51 29.47 11.45
N ALA A 33 -24.93 28.84 10.43
CA ALA A 33 -24.47 29.59 9.27
C ALA A 33 -25.64 30.13 8.46
N SER A 34 -25.50 31.39 8.01
CA SER A 34 -26.50 32.02 7.16
C SER A 34 -25.93 32.45 5.82
N SER A 35 -24.66 32.16 5.54
CA SER A 35 -24.07 32.40 4.23
C SER A 35 -23.13 31.23 3.92
N THR A 36 -22.66 31.19 2.68
CA THR A 36 -21.74 30.13 2.29
C THR A 36 -20.39 30.22 2.99
N SER A 37 -20.08 31.36 3.61
CA SER A 37 -18.79 31.59 4.24
C SER A 37 -19.01 31.90 5.71
N VAL A 38 -18.31 31.15 6.57
CA VAL A 38 -18.35 31.39 8.01
C VAL A 38 -16.92 31.49 8.53
N LEU A 39 -16.68 32.46 9.40
CA LEU A 39 -15.38 32.70 10.03
C LEU A 39 -15.48 32.36 11.50
N VAL A 40 -14.59 31.49 11.98
CA VAL A 40 -14.47 31.20 13.40
C VAL A 40 -13.15 31.76 13.88
N ASP A 41 -13.20 32.85 14.63
CA ASP A 41 -12.00 33.54 15.09
C ASP A 41 -12.10 33.76 16.59
N GLY A 42 -11.05 34.35 17.15
CA GLY A 42 -10.96 34.54 18.59
C GLY A 42 -11.28 35.95 19.04
N PHE A 43 -11.98 36.72 18.21
CA PHE A 43 -12.29 38.10 18.54
C PHE A 43 -13.66 38.18 19.21
N THR A 44 -14.25 39.38 19.28
CA THR A 44 -15.32 39.63 20.24
C THR A 44 -16.61 40.19 19.64
N ASP A 45 -16.82 40.12 18.32
CA ASP A 45 -18.07 40.64 17.77
C ASP A 45 -19.19 39.68 18.14
N PRO A 46 -20.25 40.15 18.82
CA PRO A 46 -21.23 39.21 19.39
C PRO A 46 -22.37 38.82 18.47
N SER A 47 -22.40 39.29 17.24
CA SER A 47 -23.45 38.90 16.29
C SER A 47 -23.07 37.55 15.71
N ASN A 48 -23.66 36.48 16.23
CA ASN A 48 -23.47 35.14 15.69
C ASN A 48 -24.60 34.74 14.76
N ASN A 49 -25.10 35.68 13.95
CA ASN A 49 -26.17 35.42 13.01
C ASN A 49 -25.82 35.80 11.58
N LYS A 50 -24.54 35.85 11.23
CA LYS A 50 -24.14 36.04 9.84
C LYS A 50 -22.93 35.18 9.50
N ASN A 51 -21.81 35.80 9.15
CA ASN A 51 -20.64 35.05 8.67
C ASN A 51 -19.55 34.88 9.71
N ARG A 52 -19.68 35.48 10.89
CA ARG A 52 -18.61 35.48 11.86
C ARG A 52 -19.05 34.82 13.17
N PHE A 53 -18.27 33.84 13.61
CA PHE A 53 -18.47 33.13 14.87
C PHE A 53 -17.28 33.49 15.75
N CYS A 54 -17.48 34.45 16.66
CA CYS A 54 -16.40 35.00 17.46
C CYS A 54 -16.37 34.29 18.81
N LEU A 55 -15.18 33.78 19.17
CA LEU A 55 -15.01 33.01 20.40
C LEU A 55 -14.41 33.79 21.55
N GLY A 56 -13.80 34.95 21.28
CA GLY A 56 -13.13 35.70 22.33
C GLY A 56 -14.07 36.21 23.41
N LEU A 57 -15.32 36.49 23.05
CA LEU A 57 -16.28 37.05 24.01
C LEU A 57 -16.90 35.99 24.91
N LEU A 58 -16.66 34.71 24.64
CA LEU A 58 -17.35 33.64 25.37
C LEU A 58 -16.73 33.42 26.74
N SER A 59 -17.59 33.21 27.74
CA SER A 59 -17.17 32.94 29.10
C SER A 59 -17.20 31.44 29.38
N ASN A 60 -16.35 31.01 30.31
CA ASN A 60 -16.31 29.62 30.77
C ASN A 60 -15.76 29.62 32.18
N VAL A 61 -16.57 29.20 33.15
CA VAL A 61 -16.16 29.22 34.56
C VAL A 61 -15.11 28.19 34.88
N ASN A 62 -14.85 27.24 33.98
CA ASN A 62 -13.84 26.22 34.17
C ASN A 62 -12.59 26.49 33.34
N ARG A 63 -12.48 27.67 32.75
CA ARG A 63 -11.31 28.01 31.96
C ARG A 63 -10.08 28.10 32.87
N ASN A 64 -8.94 27.68 32.33
CA ASN A 64 -7.68 27.72 33.07
C ASN A 64 -6.62 28.40 32.22
N SER A 65 -5.42 28.51 32.78
CA SER A 65 -4.34 29.24 32.12
C SER A 65 -3.97 28.61 30.79
N THR A 66 -3.97 27.28 30.72
CA THR A 66 -3.60 26.59 29.48
C THR A 66 -4.59 26.93 28.37
N ILE A 67 -5.89 26.87 28.66
CA ILE A 67 -6.90 27.21 27.66
C ILE A 67 -6.79 28.68 27.29
N GLU A 68 -6.63 29.56 28.28
CA GLU A 68 -6.56 30.99 28.02
C GLU A 68 -5.43 31.34 27.06
N ASN A 69 -4.26 30.70 27.22
CA ASN A 69 -3.13 31.02 26.36
C ASN A 69 -3.39 30.55 24.93
N THR A 70 -4.10 29.44 24.76
CA THR A 70 -4.41 28.95 23.42
C THR A 70 -5.40 29.86 22.71
N ARG A 71 -6.35 30.42 23.44
CA ARG A 71 -7.34 31.32 22.82
C ARG A 71 -6.67 32.59 22.29
N ARG A 72 -5.60 33.05 22.95
CA ARG A 72 -4.88 34.22 22.51
C ARG A 72 -4.23 34.02 21.15
N HIS A 73 -4.02 32.77 20.75
CA HIS A 73 -3.34 32.45 19.49
C HIS A 73 -4.29 31.95 18.41
N ILE A 74 -5.60 31.96 18.66
CA ILE A 74 -6.55 31.60 17.61
C ILE A 74 -6.52 32.65 16.50
N GLY A 75 -6.51 33.92 16.88
CA GLY A 75 -6.38 34.98 15.89
C GLY A 75 -7.51 34.95 14.88
N LYS A 76 -7.14 35.12 13.60
CA LYS A 76 -8.13 35.11 12.54
C LYS A 76 -8.78 33.74 12.37
N GLY A 77 -8.20 32.69 12.94
CA GLY A 77 -8.92 31.43 13.07
C GLY A 77 -8.99 30.67 11.77
N VAL A 78 -10.19 30.16 11.46
CA VAL A 78 -10.42 29.29 10.31
C VAL A 78 -11.55 29.87 9.46
N HIS A 79 -11.42 29.73 8.15
CA HIS A 79 -12.44 30.14 7.20
C HIS A 79 -13.08 28.88 6.63
N LEU A 80 -14.31 28.61 7.03
CA LEU A 80 -15.08 27.48 6.51
C LEU A 80 -16.08 28.00 5.47
N TYR A 81 -16.04 27.43 4.28
CA TYR A 81 -16.98 27.84 3.24
C TYR A 81 -17.43 26.64 2.42
N TYR A 82 -18.58 26.83 1.76
CA TYR A 82 -19.34 25.76 1.11
C TYR A 82 -19.69 26.25 -0.30
N VAL A 83 -18.84 25.91 -1.26
CA VAL A 83 -19.00 26.33 -2.65
C VAL A 83 -18.95 25.10 -3.54
N GLY A 84 -19.87 25.02 -4.50
CA GLY A 84 -19.92 23.94 -5.46
C GLY A 84 -19.95 22.56 -4.86
N GLY A 85 -20.89 22.31 -3.94
CA GLY A 85 -21.07 21.00 -3.33
C GLY A 85 -19.87 20.48 -2.58
N GLU A 86 -19.00 21.36 -2.10
CA GLU A 86 -17.83 20.95 -1.33
C GLU A 86 -17.60 21.92 -0.19
N VAL A 87 -16.99 21.43 0.88
CA VAL A 87 -16.69 22.22 2.06
C VAL A 87 -15.17 22.30 2.20
N TYR A 88 -14.67 23.50 2.48
CA TYR A 88 -13.24 23.76 2.61
C TYR A 88 -12.94 24.34 3.99
N ALA A 89 -11.74 24.04 4.46
CA ALA A 89 -11.19 24.65 5.67
C ALA A 89 -9.91 25.38 5.28
N GLU A 90 -9.90 26.69 5.50
CA GLU A 90 -8.75 27.54 5.17
C GLU A 90 -8.25 28.17 6.46
N CYS A 91 -6.99 27.93 6.79
CA CYS A 91 -6.43 28.32 8.08
C CYS A 91 -5.91 29.75 7.99
N LEU A 92 -6.73 30.70 8.46
CA LEU A 92 -6.32 32.09 8.49
C LEU A 92 -5.48 32.41 9.73
N SER A 93 -5.49 31.56 10.73
CA SER A 93 -4.74 31.81 11.96
C SER A 93 -3.24 31.77 11.69
N ASP A 94 -2.49 32.36 12.63
CA ASP A 94 -1.04 32.25 12.59
C ASP A 94 -0.57 30.90 13.13
N SER A 95 -1.36 30.25 13.97
CA SER A 95 -1.11 28.90 14.40
C SER A 95 -1.95 27.93 13.56
N SER A 96 -1.55 26.66 13.58
CA SER A 96 -2.21 25.65 12.77
C SER A 96 -3.55 25.25 13.37
N ILE A 97 -4.37 24.58 12.56
CA ILE A 97 -5.60 23.95 13.00
C ILE A 97 -5.51 22.46 12.67
N PHE A 98 -6.33 21.66 13.37
CA PHE A 98 -6.28 20.21 13.26
C PHE A 98 -7.68 19.68 13.01
N VAL A 99 -7.92 19.16 11.81
CA VAL A 99 -9.24 18.75 11.35
C VAL A 99 -9.29 17.23 11.26
N GLN A 100 -10.41 16.66 11.71
CA GLN A 100 -10.70 15.24 11.53
C GLN A 100 -12.01 15.15 10.75
N SER A 101 -11.93 14.64 9.52
CA SER A 101 -13.09 14.58 8.64
C SER A 101 -13.09 13.20 7.99
N ARG A 102 -14.05 12.36 8.41
CA ARG A 102 -14.15 11.01 7.90
C ARG A 102 -14.34 10.99 6.38
N ASN A 103 -15.18 11.91 5.87
CA ASN A 103 -15.39 12.02 4.43
C ASN A 103 -14.10 12.41 3.72
N CYS A 104 -13.33 13.32 4.30
CA CYS A 104 -12.04 13.69 3.73
C CYS A 104 -11.08 12.52 3.78
N ASN A 105 -11.06 11.79 4.90
CA ASN A 105 -10.18 10.62 5.04
C ASN A 105 -10.57 9.53 4.07
N TYR A 106 -11.88 9.30 3.88
CA TYR A 106 -12.34 8.28 2.94
C TYR A 106 -11.89 8.60 1.52
N HIS A 107 -11.82 9.88 1.19
CA HIS A 107 -11.43 10.30 -0.16
C HIS A 107 -10.00 9.90 -0.48
N HIS A 108 -9.06 10.23 0.41
CA HIS A 108 -7.63 10.06 0.14
C HIS A 108 -7.10 8.70 0.56
N GLY A 109 -7.94 7.80 1.07
CA GLY A 109 -7.45 6.53 1.55
C GLY A 109 -6.85 6.57 2.94
N PHE A 110 -6.95 7.71 3.63
CA PHE A 110 -6.43 7.81 4.98
C PHE A 110 -7.24 6.95 5.93
N HIS A 111 -6.64 6.64 7.08
CA HIS A 111 -7.39 5.94 8.11
C HIS A 111 -8.55 6.82 8.58
N PRO A 112 -9.71 6.22 8.86
CA PRO A 112 -10.90 7.05 9.17
C PRO A 112 -10.71 7.98 10.37
N THR A 113 -9.83 7.64 11.30
CA THR A 113 -9.60 8.45 12.49
C THR A 113 -8.52 9.51 12.30
N THR A 114 -8.00 9.66 11.08
CA THR A 114 -6.83 10.50 10.86
C THR A 114 -7.14 11.96 11.13
N VAL A 115 -6.23 12.64 11.84
CA VAL A 115 -6.30 14.07 12.07
C VAL A 115 -5.31 14.74 11.14
N CYS A 116 -5.78 15.72 10.38
CA CYS A 116 -4.95 16.40 9.39
C CYS A 116 -4.54 17.78 9.93
N LYS A 117 -3.23 18.01 10.01
CA LYS A 117 -2.70 19.32 10.35
C LYS A 117 -2.80 20.23 9.13
N ILE A 118 -3.50 21.35 9.28
CA ILE A 118 -3.54 22.41 8.27
C ILE A 118 -2.65 23.54 8.76
N PRO A 119 -1.44 23.71 8.21
CA PRO A 119 -0.59 24.82 8.64
C PRO A 119 -1.18 26.15 8.24
N SER A 120 -0.70 27.20 8.90
CA SER A 120 -1.15 28.56 8.62
C SER A 120 -0.99 28.89 7.14
N GLY A 121 -2.08 29.37 6.53
CA GLY A 121 -2.10 29.73 5.13
C GLY A 121 -2.57 28.65 4.19
N CYS A 122 -2.75 27.42 4.66
CA CYS A 122 -3.14 26.30 3.81
C CYS A 122 -4.65 26.07 3.85
N SER A 123 -5.15 25.45 2.79
CA SER A 123 -6.55 25.09 2.68
C SER A 123 -6.69 23.60 2.40
N LEU A 124 -7.74 22.99 2.94
CA LEU A 124 -8.02 21.58 2.77
C LEU A 124 -9.50 21.37 2.44
N LYS A 125 -9.76 20.52 1.46
CA LYS A 125 -11.14 20.14 1.15
C LYS A 125 -11.56 19.08 2.16
N ILE A 126 -12.53 19.41 3.02
CA ILE A 126 -12.89 18.55 4.13
C ILE A 126 -14.22 17.86 3.93
N PHE A 127 -14.93 18.12 2.83
CA PHE A 127 -16.14 17.38 2.52
C PHE A 127 -16.49 17.52 1.05
N ASN A 128 -17.10 16.47 0.51
CA ASN A 128 -17.63 16.46 -0.86
C ASN A 128 -19.02 15.84 -0.81
N ASN A 129 -20.03 16.60 -1.27
CA ASN A 129 -21.41 16.14 -1.17
C ASN A 129 -21.64 14.88 -2.00
N GLN A 130 -21.14 14.87 -3.24
CA GLN A 130 -21.44 13.78 -4.16
C GLN A 130 -20.88 12.45 -3.66
N GLU A 131 -19.68 12.48 -3.07
CA GLU A 131 -19.08 11.27 -2.52
C GLU A 131 -19.92 10.70 -1.38
N PHE A 132 -20.42 11.57 -0.50
CA PHE A 132 -21.31 11.11 0.57
C PHE A 132 -22.58 10.51 0.00
N ALA A 133 -23.24 11.24 -0.90
CA ALA A 133 -24.47 10.75 -1.51
C ALA A 133 -24.24 9.40 -2.20
N GLN A 134 -23.07 9.24 -2.82
CA GLN A 134 -22.73 7.97 -3.44
C GLN A 134 -22.54 6.88 -2.39
N LEU A 135 -21.81 7.20 -1.31
CA LEU A 135 -21.61 6.23 -0.23
C LEU A 135 -22.94 5.86 0.42
N LEU A 136 -23.85 6.82 0.54
CA LEU A 136 -25.16 6.54 1.14
C LEU A 136 -25.93 5.52 0.32
N ALA A 137 -25.95 5.69 -1.01
CA ALA A 137 -26.69 4.78 -1.86
C ALA A 137 -26.11 3.37 -1.80
N GLN A 138 -24.78 3.25 -1.75
CA GLN A 138 -24.15 1.95 -1.64
C GLN A 138 -24.42 1.30 -0.29
N SER A 139 -24.60 2.10 0.76
CA SER A 139 -24.75 1.58 2.11
C SER A 139 -26.12 0.96 2.38
N VAL A 140 -27.13 1.29 1.57
CA VAL A 140 -28.49 0.84 1.85
C VAL A 140 -28.60 -0.68 1.77
N ASN A 141 -27.81 -1.31 0.90
CA ASN A 141 -27.90 -2.76 0.73
C ASN A 141 -27.10 -3.52 1.78
N HIS A 142 -26.50 -2.83 2.75
CA HIS A 142 -25.71 -3.47 3.78
C HIS A 142 -26.39 -3.51 5.14
N GLY A 143 -27.63 -3.06 5.24
CA GLY A 143 -28.38 -3.13 6.49
C GLY A 143 -28.47 -1.79 7.19
N PHE A 144 -29.33 -1.77 8.21
CA PHE A 144 -29.60 -0.52 8.93
C PHE A 144 -28.34 0.00 9.62
N GLU A 145 -27.61 -0.90 10.29
CA GLU A 145 -26.44 -0.46 11.06
C GLU A 145 -25.42 0.22 10.16
N THR A 146 -25.24 -0.28 8.93
CA THR A 146 -24.25 0.30 8.03
C THR A 146 -24.64 1.73 7.65
N VAL A 147 -25.93 1.98 7.41
CA VAL A 147 -26.37 3.32 7.06
C VAL A 147 -26.35 4.23 8.29
N TYR A 148 -26.71 3.69 9.47
CA TYR A 148 -26.70 4.52 10.68
C TYR A 148 -25.28 4.94 11.04
N GLU A 149 -24.29 4.14 10.67
CA GLU A 149 -22.89 4.53 10.92
C GLU A 149 -22.51 5.77 10.14
N LEU A 150 -23.23 6.07 9.05
CA LEU A 150 -22.90 7.23 8.23
C LEU A 150 -23.20 8.54 8.96
N THR A 151 -23.98 8.48 10.04
CA THR A 151 -24.20 9.66 10.87
C THR A 151 -22.87 10.25 11.34
N LYS A 152 -21.91 9.38 11.65
CA LYS A 152 -20.61 9.83 12.12
C LYS A 152 -19.89 10.67 11.07
N MET A 153 -20.17 10.42 9.78
CA MET A 153 -19.52 11.15 8.70
C MET A 153 -20.05 12.57 8.53
N CYS A 154 -21.22 12.88 9.10
CA CYS A 154 -21.81 14.20 8.92
C CYS A 154 -21.29 15.23 9.93
N THR A 155 -20.34 14.85 10.78
CA THR A 155 -19.74 15.78 11.73
C THR A 155 -18.25 15.90 11.45
N ILE A 156 -17.73 17.10 11.65
CA ILE A 156 -16.30 17.36 11.52
C ILE A 156 -15.84 18.05 12.80
N ARG A 157 -14.85 17.46 13.47
CA ARG A 157 -14.26 18.03 14.66
C ARG A 157 -12.90 18.62 14.32
N MET A 158 -12.54 19.68 15.02
CA MET A 158 -11.40 20.50 14.62
C MET A 158 -10.95 21.34 15.81
N SER A 159 -9.63 21.39 16.04
CA SER A 159 -9.06 22.11 17.16
C SER A 159 -8.11 23.19 16.67
N PHE A 160 -7.97 24.24 17.49
CA PHE A 160 -7.07 25.34 17.23
C PHE A 160 -5.75 25.12 17.97
N VAL A 161 -4.65 25.42 17.29
CA VAL A 161 -3.30 25.50 17.87
C VAL A 161 -2.76 24.12 18.23
N LYS A 162 -3.49 23.39 19.07
CA LYS A 162 -2.96 22.16 19.66
C LYS A 162 -3.42 20.95 18.85
N GLY A 163 -2.49 20.04 18.58
CA GLY A 163 -2.81 18.84 17.84
C GLY A 163 -3.37 17.74 18.72
N TRP A 164 -3.96 16.76 18.06
CA TRP A 164 -4.50 15.59 18.74
C TRP A 164 -4.54 14.44 17.76
N GLY A 165 -4.70 13.23 18.29
CA GLY A 165 -4.64 12.05 17.47
C GLY A 165 -3.52 11.12 17.88
N ALA A 166 -3.05 10.30 16.95
CA ALA A 166 -2.08 9.25 17.29
C ALA A 166 -0.76 9.82 17.79
N GLU A 167 -0.24 10.85 17.12
CA GLU A 167 1.11 11.30 17.46
C GLU A 167 1.16 12.05 18.78
N TYR A 168 0.05 12.64 19.21
CA TYR A 168 0.08 13.58 20.32
C TYR A 168 -0.36 12.89 21.61
N HIS A 169 0.13 13.43 22.74
CA HIS A 169 -0.31 12.93 24.03
C HIS A 169 -1.81 13.08 24.20
N ARG A 170 -2.39 14.13 23.63
CA ARG A 170 -3.83 14.30 23.60
C ARG A 170 -4.37 13.34 22.55
N GLN A 171 -4.95 12.22 23.00
CA GLN A 171 -5.47 11.23 22.07
C GLN A 171 -6.82 11.64 21.51
N ASP A 172 -7.68 12.19 22.35
CA ASP A 172 -9.02 12.60 21.96
C ASP A 172 -9.09 14.11 21.83
N VAL A 173 -10.02 14.59 20.98
CA VAL A 173 -10.17 16.02 20.80
C VAL A 173 -10.58 16.71 22.09
N THR A 174 -11.22 15.98 23.00
CA THR A 174 -11.62 16.56 24.28
C THR A 174 -10.45 16.89 25.18
N SER A 175 -9.23 16.51 24.78
CA SER A 175 -8.03 16.89 25.51
C SER A 175 -7.42 18.18 25.00
N THR A 176 -7.90 18.70 23.87
CA THR A 176 -7.44 19.97 23.35
C THR A 176 -8.19 21.13 24.00
N PRO A 177 -7.53 22.28 24.21
CA PRO A 177 -8.16 23.38 24.95
C PRO A 177 -9.19 24.16 24.15
N CYS A 178 -9.08 24.18 22.82
CA CYS A 178 -9.99 24.96 21.99
C CYS A 178 -10.34 24.16 20.75
N TRP A 179 -11.59 23.70 20.65
CA TRP A 179 -12.02 23.00 19.45
C TRP A 179 -13.50 23.29 19.18
N ILE A 180 -13.91 22.97 17.95
CA ILE A 180 -15.29 23.15 17.50
C ILE A 180 -15.74 21.86 16.83
N GLU A 181 -17.05 21.68 16.75
CA GLU A 181 -17.66 20.56 16.05
C GLU A 181 -18.65 21.10 15.04
N ILE A 182 -18.53 20.66 13.79
CA ILE A 182 -19.34 21.14 12.68
C ILE A 182 -20.34 20.05 12.30
N HIS A 183 -21.60 20.43 12.12
CA HIS A 183 -22.65 19.52 11.66
C HIS A 183 -23.09 19.95 10.27
N LEU A 184 -22.93 19.05 9.30
CA LEU A 184 -23.24 19.34 7.90
C LEU A 184 -24.70 18.99 7.65
N HIS A 185 -25.55 20.00 7.54
CA HIS A 185 -26.99 19.78 7.53
C HIS A 185 -27.47 19.12 6.24
N GLY A 186 -26.80 19.37 5.12
CA GLY A 186 -27.13 18.72 3.87
C GLY A 186 -27.10 17.21 3.99
N PRO A 187 -25.90 16.66 4.25
CA PRO A 187 -25.78 15.20 4.45
C PRO A 187 -26.73 14.64 5.50
N LEU A 188 -26.88 15.32 6.64
CA LEU A 188 -27.80 14.86 7.67
C LEU A 188 -29.22 14.75 7.14
N GLN A 189 -29.62 15.69 6.28
CA GLN A 189 -30.96 15.66 5.71
C GLN A 189 -31.12 14.47 4.77
N TRP A 190 -30.15 14.26 3.88
CA TRP A 190 -30.22 13.15 2.93
C TRP A 190 -30.15 11.81 3.64
N LEU A 191 -29.31 11.70 4.67
CA LEU A 191 -29.24 10.49 5.46
C LEU A 191 -30.57 10.22 6.17
N ASP A 192 -31.20 11.28 6.69
CA ASP A 192 -32.46 11.13 7.38
C ASP A 192 -33.52 10.47 6.51
N LYS A 193 -33.62 10.90 5.24
CA LYS A 193 -34.65 10.36 4.36
C LYS A 193 -34.40 8.92 3.98
N VAL A 194 -33.17 8.43 4.16
CA VAL A 194 -32.90 7.01 3.98
C VAL A 194 -33.14 6.24 5.27
N LEU A 195 -32.73 6.82 6.41
CA LEU A 195 -32.86 6.12 7.68
C LEU A 195 -34.33 5.89 8.02
N THR A 196 -35.22 6.84 7.67
CA THR A 196 -36.64 6.70 7.97
C THR A 196 -37.35 5.69 7.08
N GLN A 197 -36.72 5.20 6.02
CA GLN A 197 -37.31 4.21 5.12
C GLN A 197 -36.69 2.82 5.27
N MET A 198 -35.78 2.64 6.23
CA MET A 198 -35.15 1.37 6.48
C MET A 198 -35.72 0.66 7.70
N GLY A 199 -36.69 1.25 8.37
CA GLY A 199 -37.23 0.66 9.58
C GLY A 199 -36.23 0.75 10.73
N SER A 200 -36.20 -0.27 11.55
CA SER A 200 -35.39 -0.32 12.76
C SER A 200 -34.62 -1.63 12.81
N PRO A 201 -33.63 -1.74 13.69
CA PRO A 201 -32.92 -3.02 13.81
C PRO A 201 -33.80 -4.09 14.44
N HIS A 202 -33.60 -5.33 13.99
CA HIS A 202 -34.31 -6.50 14.52
C HIS A 202 -33.55 -7.04 15.72
N ASN A 203 -33.51 -6.23 16.77
CA ASN A 203 -32.79 -6.57 17.99
C ASN A 203 -33.67 -6.34 19.20
N PRO A 204 -33.36 -6.99 20.33
CA PRO A 204 -34.13 -6.74 21.55
C PRO A 204 -33.45 -5.76 22.48
N ILE A 205 -34.23 -5.11 23.35
CA ILE A 205 -33.69 -4.25 24.39
C ILE A 205 -34.60 -4.35 25.60
N SER A 206 -34.01 -4.56 26.78
CA SER A 206 -34.82 -4.63 27.99
C SER A 206 -35.22 -3.23 28.45
N GLU A 207 -36.26 -3.19 29.29
CA GLU A 207 -36.67 -1.96 29.94
C GLU A 207 -36.18 -1.86 31.37
N VAL A 208 -35.51 -2.89 31.88
CA VAL A 208 -35.09 -2.95 33.28
C VAL A 208 -33.59 -2.84 33.41
N GLU A 209 -32.82 -3.49 32.55
CA GLU A 209 -31.37 -3.43 32.65
C GLU A 209 -30.84 -2.15 32.02
N SER B 4 4.64 31.60 0.33
CA SER B 4 4.26 31.35 -1.05
C SER B 4 4.59 29.91 -1.45
N LYS B 5 5.41 29.77 -2.49
CA LYS B 5 5.69 28.45 -3.06
C LYS B 5 6.73 27.73 -2.19
N VAL B 6 6.26 27.29 -1.02
CA VAL B 6 7.07 26.71 0.03
C VAL B 6 6.42 25.42 0.50
N TRP B 7 7.24 24.49 1.02
CA TRP B 7 6.70 23.32 1.71
C TRP B 7 6.38 23.67 3.16
N GLN B 8 5.28 23.13 3.68
CA GLN B 8 4.83 23.43 5.03
C GLN B 8 4.55 22.15 5.81
N GLY B 9 5.50 21.23 5.79
CA GLY B 9 5.35 20.05 6.61
C GLY B 9 4.34 19.08 6.04
N GLN B 10 3.91 18.15 6.89
CA GLN B 10 2.97 17.11 6.51
C GLN B 10 1.68 17.24 7.30
N ALA B 11 0.58 16.76 6.71
CA ALA B 11 -0.71 16.82 7.38
C ALA B 11 -0.80 15.80 8.50
N PHE B 12 -0.01 14.73 8.42
CA PHE B 12 0.05 13.68 9.43
C PHE B 12 1.32 12.90 9.12
N HIS B 13 1.71 12.06 10.07
CA HIS B 13 2.90 11.23 9.90
C HIS B 13 2.54 9.90 9.27
N LEU B 14 3.23 9.54 8.19
CA LEU B 14 2.92 8.30 7.48
C LEU B 14 3.57 7.16 8.26
N ASP B 15 2.83 6.62 9.23
CA ASP B 15 3.23 5.42 9.94
C ASP B 15 1.96 4.74 10.43
N ARG B 16 2.13 3.51 10.94
CA ARG B 16 1.04 2.72 11.51
C ARG B 16 -0.19 2.71 10.61
N ARG B 17 -1.26 3.41 11.01
CA ARG B 17 -2.53 3.29 10.33
C ARG B 17 -2.52 3.92 8.94
N ASN B 18 -1.59 4.84 8.67
CA ASN B 18 -1.44 5.38 7.32
C ASN B 18 -0.07 5.00 6.76
N SER B 19 0.20 3.70 6.68
CA SER B 19 1.53 3.27 6.25
C SER B 19 1.63 3.29 4.73
N PRO B 20 2.78 3.67 4.20
CA PRO B 20 2.99 3.63 2.74
C PRO B 20 2.75 2.23 2.19
N PRO B 21 2.00 2.10 1.10
CA PRO B 21 1.70 0.76 0.58
C PRO B 21 2.92 0.01 0.11
N ASN B 22 3.96 0.71 -0.33
CA ASN B 22 5.11 0.11 -1.03
C ASN B 22 4.62 -0.86 -2.11
N SER B 23 4.12 -0.27 -3.19
CA SER B 23 3.61 -1.06 -4.29
C SER B 23 4.78 -1.54 -5.15
N LEU B 24 4.53 -2.56 -5.96
CA LEU B 24 5.58 -3.10 -6.81
C LEU B 24 5.57 -2.42 -8.18
N THR B 25 5.86 -1.12 -8.14
CA THR B 25 6.01 -0.31 -9.34
C THR B 25 7.06 0.75 -9.05
N PRO B 26 7.77 1.23 -10.06
CA PRO B 26 8.66 2.40 -9.88
C PRO B 26 8.03 3.72 -10.32
N CYS B 27 6.73 3.75 -10.59
CA CYS B 27 6.10 4.91 -11.21
C CYS B 27 5.09 5.54 -10.26
N LEU B 28 5.12 6.87 -10.19
CA LEU B 28 4.25 7.63 -9.32
C LEU B 28 3.49 8.68 -10.11
N LYS B 29 2.33 9.08 -9.60
CA LYS B 29 1.64 10.27 -10.04
C LYS B 29 1.43 11.17 -8.83
N ILE B 30 1.98 12.38 -8.89
CA ILE B 30 1.96 13.33 -7.77
C ILE B 30 0.88 14.36 -8.05
N ARG B 31 0.10 14.70 -7.04
CA ARG B 31 -1.13 15.44 -7.25
C ARG B 31 -1.17 16.75 -6.47
N ASN B 32 -2.00 17.67 -6.98
CA ASN B 32 -2.36 18.91 -6.28
C ASN B 32 -1.13 19.80 -6.05
N MET B 33 -0.24 19.85 -7.04
CA MET B 33 1.02 20.59 -6.92
C MET B 33 0.97 21.99 -7.49
N PHE B 34 -0.04 22.33 -8.29
CA PHE B 34 -0.13 23.64 -8.94
C PHE B 34 -1.48 23.74 -9.63
N ASP B 35 -1.72 24.90 -10.25
CA ASP B 35 -2.85 25.10 -11.15
C ASP B 35 -2.28 25.74 -12.41
N PRO B 36 -2.34 25.06 -13.56
CA PRO B 36 -1.64 25.59 -14.74
C PRO B 36 -2.17 26.93 -15.21
N VAL B 37 -3.43 27.24 -14.92
CA VAL B 37 -4.01 28.52 -15.33
C VAL B 37 -3.55 29.68 -14.44
N MET B 38 -2.88 29.39 -13.33
CA MET B 38 -2.31 30.42 -12.47
C MET B 38 -0.80 30.52 -12.60
N GLU B 39 -0.23 29.89 -13.62
CA GLU B 39 1.19 29.99 -13.93
C GLU B 39 1.36 30.78 -15.21
N ILE B 40 2.45 31.53 -15.30
CA ILE B 40 2.70 32.39 -16.45
C ILE B 40 4.06 32.04 -17.03
N GLY B 41 4.20 32.29 -18.33
CA GLY B 41 5.41 31.90 -19.04
C GLY B 41 5.44 30.40 -19.24
N ASP B 42 6.55 29.93 -19.79
CA ASP B 42 6.82 28.50 -19.94
C ASP B 42 8.13 28.10 -19.30
N GLN B 43 8.54 28.85 -18.27
CA GLN B 43 9.64 28.47 -17.41
C GLN B 43 9.18 28.00 -16.04
N TRP B 44 7.87 28.07 -15.76
CA TRP B 44 7.35 27.79 -14.42
C TRP B 44 7.46 26.33 -14.02
N HIS B 45 7.55 25.40 -14.97
CA HIS B 45 7.65 23.99 -14.62
C HIS B 45 8.98 23.65 -13.94
N LEU B 46 10.04 24.42 -14.22
CA LEU B 46 11.33 24.15 -13.59
C LEU B 46 11.25 24.29 -12.08
N ALA B 47 10.52 25.31 -11.60
CA ALA B 47 10.35 25.45 -10.16
C ALA B 47 9.56 24.29 -9.57
N ILE B 48 8.66 23.69 -10.35
CA ILE B 48 7.90 22.54 -9.89
C ILE B 48 8.80 21.30 -9.81
N GLN B 49 9.60 21.07 -10.86
CA GLN B 49 10.52 19.94 -10.85
C GLN B 49 11.53 20.06 -9.72
N GLU B 50 12.09 21.26 -9.52
CA GLU B 50 13.10 21.46 -8.50
C GLU B 50 12.52 21.29 -7.10
N ALA B 51 11.29 21.77 -6.90
CA ALA B 51 10.64 21.61 -5.59
C ALA B 51 10.48 20.15 -5.22
N ILE B 52 10.22 19.29 -6.21
CA ILE B 52 10.11 17.86 -5.94
C ILE B 52 11.46 17.27 -5.59
N LEU B 53 12.51 17.70 -6.28
CA LEU B 53 13.85 17.21 -5.98
C LEU B 53 14.38 17.78 -4.67
N GLU B 54 14.02 19.02 -4.32
CA GLU B 54 14.43 19.57 -3.04
C GLU B 54 13.81 18.79 -1.89
N LYS B 55 12.53 18.40 -2.03
CA LYS B 55 11.89 17.57 -1.01
C LYS B 55 12.42 16.14 -1.04
N CYS B 56 12.97 15.70 -2.17
CA CYS B 56 13.57 14.38 -2.31
C CYS B 56 15.08 14.46 -2.51
N SER B 57 15.73 15.38 -1.78
CA SER B 57 17.18 15.53 -1.89
C SER B 57 17.90 14.25 -1.51
N ASP B 58 17.34 13.47 -0.59
CA ASP B 58 17.95 12.21 -0.18
C ASP B 58 17.86 11.16 -1.27
N ASN B 59 16.85 11.25 -2.15
CA ASN B 59 16.54 10.15 -3.05
C ASN B 59 17.48 10.20 -4.26
N ASP B 60 18.30 9.17 -4.40
CA ASP B 60 19.22 9.03 -5.52
C ASP B 60 18.67 8.11 -6.61
N GLY B 61 17.35 8.07 -6.78
CA GLY B 61 16.76 7.09 -7.68
C GLY B 61 15.76 7.62 -8.69
N ILE B 62 15.42 8.91 -8.62
CA ILE B 62 14.55 9.50 -9.62
C ILE B 62 15.33 9.68 -10.92
N VAL B 63 14.73 9.30 -12.04
CA VAL B 63 15.45 9.22 -13.30
C VAL B 63 14.70 10.02 -14.37
N HIS B 64 13.37 10.02 -14.30
CA HIS B 64 12.55 10.78 -15.24
C HIS B 64 11.46 11.52 -14.47
N ILE B 65 11.29 12.79 -14.78
CA ILE B 65 10.28 13.65 -14.16
C ILE B 65 9.57 14.40 -15.28
N ALA B 66 8.24 14.41 -15.24
CA ALA B 66 7.44 15.09 -16.25
C ALA B 66 6.29 15.83 -15.58
N VAL B 67 6.18 17.13 -15.86
CA VAL B 67 5.11 17.96 -15.32
C VAL B 67 4.01 18.07 -16.37
N ASP B 68 2.78 17.80 -15.94
CA ASP B 68 1.61 17.96 -16.81
C ASP B 68 1.17 19.41 -16.74
N LYS B 69 1.29 20.13 -17.86
CA LYS B 69 0.95 21.55 -17.89
C LYS B 69 -0.49 21.80 -18.35
N ASN B 70 -1.28 20.75 -18.56
CA ASN B 70 -2.65 20.90 -19.03
C ASN B 70 -3.69 20.50 -17.99
N SER B 71 -3.45 19.42 -17.25
CA SER B 71 -4.42 18.96 -16.26
C SER B 71 -4.49 19.93 -15.09
N ARG B 72 -5.71 20.33 -14.73
CA ARG B 72 -5.90 21.15 -13.55
C ARG B 72 -5.72 20.39 -12.25
N GLU B 73 -5.52 19.07 -12.31
CA GLU B 73 -5.21 18.32 -11.11
C GLU B 73 -3.85 18.68 -10.54
N GLY B 74 -3.02 19.35 -11.33
CA GLY B 74 -1.67 19.72 -10.92
C GLY B 74 -0.77 18.51 -10.78
N CYS B 75 -0.76 17.65 -11.79
CA CYS B 75 -0.01 16.40 -11.72
C CYS B 75 1.38 16.53 -12.28
N VAL B 76 2.32 15.80 -11.66
CA VAL B 76 3.66 15.60 -12.17
C VAL B 76 3.97 14.12 -12.04
N TYR B 77 4.52 13.53 -13.09
CA TYR B 77 4.83 12.11 -13.12
C TYR B 77 6.32 11.88 -12.91
N VAL B 78 6.65 10.81 -12.19
CA VAL B 78 8.02 10.46 -11.87
C VAL B 78 8.17 8.96 -12.05
N LYS B 79 9.32 8.54 -12.58
CA LYS B 79 9.70 7.13 -12.64
C LYS B 79 11.03 6.96 -11.92
N CYS B 80 11.18 5.83 -11.23
CA CYS B 80 12.39 5.53 -10.48
C CYS B 80 13.02 4.23 -10.98
N LEU B 81 14.19 3.93 -10.42
CA LEU B 81 14.91 2.71 -10.80
C LEU B 81 14.16 1.47 -10.31
N SER B 82 13.85 1.41 -9.04
CA SER B 82 13.20 0.28 -8.39
C SER B 82 12.02 0.78 -7.57
N PRO B 83 11.08 -0.12 -7.22
CA PRO B 83 9.98 0.29 -6.34
C PRO B 83 10.42 0.81 -4.98
N GLU B 84 11.62 0.47 -4.52
CA GLU B 84 12.11 0.99 -3.24
C GLU B 84 12.38 2.49 -3.33
N TYR B 85 12.96 2.93 -4.44
CA TYR B 85 13.15 4.36 -4.66
C TYR B 85 11.81 5.07 -4.81
N ALA B 86 10.87 4.46 -5.53
CA ALA B 86 9.54 5.06 -5.69
C ALA B 86 8.80 5.15 -4.36
N GLY B 87 8.99 4.16 -3.48
CA GLY B 87 8.41 4.26 -2.16
C GLY B 87 9.05 5.33 -1.31
N LYS B 88 10.35 5.54 -1.48
CA LYS B 88 11.05 6.58 -0.73
C LYS B 88 10.55 7.97 -1.15
N ALA B 89 10.26 8.16 -2.44
CA ALA B 89 9.67 9.41 -2.89
C ALA B 89 8.23 9.54 -2.43
N PHE B 90 7.50 8.42 -2.34
CA PHE B 90 6.15 8.45 -1.81
C PHE B 90 6.12 9.00 -0.40
N LYS B 91 7.02 8.50 0.46
CA LYS B 91 7.05 8.94 1.86
C LYS B 91 7.39 10.42 1.96
N ALA B 92 8.23 10.92 1.05
CA ALA B 92 8.63 12.32 1.11
C ALA B 92 7.51 13.26 0.70
N LEU B 93 6.63 12.83 -0.19
CA LEU B 93 5.63 13.72 -0.79
C LEU B 93 4.21 13.50 -0.30
N HIS B 94 3.78 12.25 -0.13
CA HIS B 94 2.38 11.99 0.19
C HIS B 94 2.02 12.60 1.53
N GLY B 95 0.93 13.37 1.53
CA GLY B 95 0.48 14.04 2.74
C GLY B 95 1.24 15.30 3.11
N SER B 96 2.06 15.83 2.21
CA SER B 96 2.84 17.04 2.49
C SER B 96 2.18 18.26 1.88
N TRP B 97 2.52 19.42 2.43
CA TRP B 97 1.89 20.69 2.08
C TRP B 97 2.82 21.49 1.17
N PHE B 98 2.33 21.86 -0.01
CA PHE B 98 3.08 22.68 -0.95
C PHE B 98 2.17 23.78 -1.49
N ASP B 99 2.67 25.02 -1.47
CA ASP B 99 1.95 26.19 -1.97
C ASP B 99 0.52 26.23 -1.45
N GLY B 100 0.35 25.84 -0.19
CA GLY B 100 -0.94 25.92 0.50
C GLY B 100 -1.92 24.81 0.17
N LYS B 101 -1.52 23.81 -0.60
CA LYS B 101 -2.40 22.71 -0.97
C LYS B 101 -1.78 21.37 -0.58
N LEU B 102 -2.62 20.39 -0.33
CA LEU B 102 -2.18 19.09 0.18
C LEU B 102 -1.87 18.14 -0.97
N VAL B 103 -0.63 17.66 -1.01
CA VAL B 103 -0.15 16.81 -2.10
C VAL B 103 -0.40 15.36 -1.75
N THR B 104 -0.94 14.60 -2.72
CA THR B 104 -1.16 13.18 -2.58
C THR B 104 -0.47 12.46 -3.75
N VAL B 105 -0.11 11.20 -3.53
CA VAL B 105 0.64 10.42 -4.50
C VAL B 105 -0.12 9.13 -4.78
N LYS B 106 -0.12 8.71 -6.05
CA LYS B 106 -0.73 7.47 -6.50
C LYS B 106 0.26 6.67 -7.32
N TYR B 107 0.26 5.35 -7.14
CA TYR B 107 1.08 4.49 -7.97
C TYR B 107 0.40 4.24 -9.31
N LEU B 108 1.20 4.16 -10.37
CA LEU B 108 0.72 3.90 -11.72
C LEU B 108 1.43 2.68 -12.27
N ARG B 109 0.73 1.92 -13.12
CA ARG B 109 1.31 0.74 -13.72
C ARG B 109 2.46 1.09 -14.65
N LEU B 110 3.45 0.20 -14.70
CA LEU B 110 4.69 0.49 -15.42
C LEU B 110 4.49 0.48 -16.93
N ASP B 111 3.64 -0.44 -17.43
CA ASP B 111 3.39 -0.50 -18.86
C ASP B 111 2.78 0.79 -19.38
N ARG B 112 1.77 1.33 -18.67
CA ARG B 112 1.11 2.55 -19.11
C ARG B 112 2.00 3.78 -18.98
N TYR B 113 2.92 3.79 -18.01
CA TYR B 113 3.82 4.95 -17.86
C TYR B 113 4.67 5.14 -19.11
N HIS B 114 5.32 4.07 -19.58
CA HIS B 114 6.14 4.18 -20.79
C HIS B 114 5.31 4.52 -22.02
N HIS B 115 4.05 4.09 -22.06
CA HIS B 115 3.18 4.42 -23.19
C HIS B 115 3.02 5.93 -23.32
N ARG B 116 2.89 6.65 -22.21
CA ARG B 116 2.73 8.08 -22.29
C ARG B 116 4.06 8.80 -22.40
N PHE B 117 5.07 8.35 -21.66
CA PHE B 117 6.41 8.94 -21.68
C PHE B 117 7.41 7.92 -22.19
N PRO B 118 7.54 7.76 -23.50
CA PRO B 118 8.54 6.81 -24.03
C PRO B 118 9.97 7.26 -23.78
N GLN B 119 10.21 8.56 -23.60
CA GLN B 119 11.54 9.08 -23.30
C GLN B 119 12.11 8.51 -22.01
N ALA B 120 11.27 8.01 -21.10
CA ALA B 120 11.71 7.62 -19.77
C ALA B 120 12.54 6.35 -19.73
N LEU B 121 12.59 5.58 -20.82
CA LEU B 121 13.38 4.35 -20.80
C LEU B 121 14.88 4.64 -20.64
N THR B 122 15.41 5.54 -21.46
CA THR B 122 16.83 5.85 -21.39
C THR B 122 17.18 6.73 -20.19
N SER B 123 16.27 7.62 -19.78
CA SER B 123 16.51 8.46 -18.62
C SER B 123 16.81 7.57 -17.42
N ASN B 124 18.09 7.51 -17.03
CA ASN B 124 18.49 6.72 -15.88
C ASN B 124 19.50 7.44 -14.99
N THR B 125 19.91 8.65 -15.32
CA THR B 125 20.83 9.24 -14.35
C THR B 125 20.04 9.96 -13.25
N PRO B 126 20.51 9.87 -12.00
CA PRO B 126 19.76 10.48 -10.90
C PRO B 126 19.71 12.00 -11.02
N LEU B 127 18.60 12.56 -10.56
CA LEU B 127 18.37 13.99 -10.59
C LEU B 127 18.49 14.58 -9.20
N LYS B 128 18.97 15.81 -9.12
CA LYS B 128 19.33 16.43 -7.85
C LYS B 128 18.97 17.90 -7.87
N PRO B 129 18.78 18.51 -6.70
CA PRO B 129 18.50 19.95 -6.64
C PRO B 129 19.76 20.78 -6.85
N SER B 130 19.54 22.08 -7.01
CA SER B 130 20.65 23.01 -7.26
C SER B 130 21.04 23.74 -5.98
N GLU C 10 22.81 -1.06 12.71
CA GLU C 10 23.53 -0.89 11.45
C GLU C 10 23.32 -2.11 10.55
N GLU C 11 23.18 -1.85 9.25
CA GLU C 11 22.84 -2.80 8.19
C GLU C 11 24.03 -3.00 7.26
N PRO C 12 24.15 -4.15 6.61
CA PRO C 12 25.42 -4.50 5.95
C PRO C 12 25.71 -3.65 4.72
N LYS C 13 26.99 -3.70 4.33
CA LYS C 13 27.49 -2.92 3.20
C LYS C 13 26.77 -3.28 1.91
N HIS C 14 26.66 -4.58 1.62
CA HIS C 14 25.93 -5.07 0.46
C HIS C 14 24.75 -5.90 0.95
N TRP C 15 23.57 -5.66 0.38
CA TRP C 15 22.39 -6.36 0.87
C TRP C 15 22.34 -7.80 0.39
N CYS C 16 23.04 -8.11 -0.70
CA CYS C 16 23.21 -9.50 -1.11
C CYS C 16 24.49 -9.64 -1.91
N SER C 17 24.95 -10.88 -2.03
CA SER C 17 26.01 -11.24 -2.94
C SER C 17 25.55 -12.42 -3.79
N ILE C 18 25.97 -12.44 -5.05
CA ILE C 18 25.50 -13.42 -6.01
C ILE C 18 26.72 -14.16 -6.59
N VAL C 19 26.53 -15.44 -6.85
CA VAL C 19 27.56 -16.31 -7.42
C VAL C 19 26.94 -17.14 -8.53
N TYR C 20 27.64 -17.22 -9.67
CA TYR C 20 27.14 -17.87 -10.88
C TYR C 20 27.80 -19.23 -11.09
N TYR C 21 26.99 -20.22 -11.43
CA TYR C 21 27.46 -21.58 -11.67
C TYR C 21 27.06 -22.03 -13.08
N GLU C 22 27.85 -22.96 -13.62
CA GLU C 22 27.45 -23.73 -14.80
C GLU C 22 27.60 -25.20 -14.44
N LEU C 23 26.47 -25.90 -14.33
CA LEU C 23 26.41 -27.27 -13.80
C LEU C 23 26.97 -27.24 -12.38
N ASN C 24 27.99 -28.04 -12.05
CA ASN C 24 28.53 -28.07 -10.70
C ASN C 24 29.77 -27.21 -10.53
N ASN C 25 30.05 -26.33 -11.49
CA ASN C 25 31.27 -25.53 -11.50
C ASN C 25 30.97 -24.07 -11.20
N ARG C 26 31.74 -23.49 -10.28
CA ARG C 26 31.72 -22.05 -10.11
C ARG C 26 32.31 -21.38 -11.34
N VAL C 27 31.66 -20.31 -11.80
CA VAL C 27 32.10 -19.58 -12.99
C VAL C 27 32.14 -18.10 -12.63
N GLY C 28 33.30 -17.47 -12.81
CA GLY C 28 33.42 -16.05 -12.58
C GLY C 28 33.60 -15.69 -11.12
N GLU C 29 33.69 -14.38 -10.89
CA GLU C 29 33.86 -13.80 -9.57
C GLU C 29 32.48 -13.61 -8.92
N ALA C 30 32.52 -13.42 -7.60
CA ALA C 30 31.28 -13.11 -6.90
C ALA C 30 30.86 -11.67 -7.18
N PHE C 31 29.55 -11.43 -7.16
CA PHE C 31 28.99 -10.10 -7.36
C PHE C 31 28.44 -9.58 -6.03
N HIS C 32 28.70 -8.31 -5.73
CA HIS C 32 28.25 -7.70 -4.50
C HIS C 32 27.33 -6.52 -4.83
N ALA C 33 26.09 -6.59 -4.37
CA ALA C 33 25.12 -5.55 -4.67
C ALA C 33 25.50 -4.25 -3.97
N SER C 34 25.40 -3.14 -4.69
CA SER C 34 25.68 -1.81 -4.15
C SER C 34 24.48 -0.88 -4.22
N SER C 35 23.32 -1.35 -4.69
CA SER C 35 22.09 -0.58 -4.66
C SER C 35 20.94 -1.51 -4.32
N THR C 36 19.76 -0.93 -4.10
CA THR C 36 18.59 -1.73 -3.76
C THR C 36 18.12 -2.61 -4.92
N SER C 37 18.59 -2.34 -6.14
CA SER C 37 18.17 -3.07 -7.33
C SER C 37 19.40 -3.62 -8.04
N VAL C 38 19.39 -4.92 -8.35
CA VAL C 38 20.47 -5.58 -9.09
C VAL C 38 19.89 -6.35 -10.27
N LEU C 39 20.59 -6.28 -11.40
CA LEU C 39 20.23 -6.98 -12.63
C LEU C 39 21.24 -8.06 -12.93
N VAL C 40 20.78 -9.29 -13.11
CA VAL C 40 21.60 -10.41 -13.56
C VAL C 40 21.15 -10.80 -14.95
N ASP C 41 21.94 -10.47 -15.96
CA ASP C 41 21.60 -10.73 -17.36
C ASP C 41 22.76 -11.42 -18.06
N GLY C 42 22.56 -11.73 -19.35
CA GLY C 42 23.53 -12.48 -20.12
C GLY C 42 24.37 -11.68 -21.09
N PHE C 43 24.47 -10.36 -20.87
CA PHE C 43 25.22 -9.50 -21.79
C PHE C 43 26.66 -9.34 -21.29
N THR C 44 27.38 -8.32 -21.77
CA THR C 44 28.84 -8.30 -21.68
C THR C 44 29.45 -7.09 -20.97
N ASP C 45 28.68 -6.31 -20.23
CA ASP C 45 29.28 -5.16 -19.56
C ASP C 45 30.11 -5.64 -18.38
N PRO C 46 31.41 -5.31 -18.32
CA PRO C 46 32.31 -5.91 -17.32
C PRO C 46 32.44 -5.13 -16.02
N SER C 47 31.58 -4.15 -15.74
CA SER C 47 31.76 -3.34 -14.55
C SER C 47 31.53 -4.17 -13.29
N ASN C 48 30.33 -4.72 -13.13
CA ASN C 48 29.99 -5.61 -12.01
C ASN C 48 30.43 -5.03 -10.67
N ASN C 49 30.40 -3.70 -10.58
CA ASN C 49 30.62 -2.98 -9.32
C ASN C 49 29.52 -1.94 -9.14
N LYS C 50 28.38 -2.18 -9.76
CA LYS C 50 27.22 -1.29 -9.64
C LYS C 50 25.94 -2.09 -9.50
N ASN C 51 25.02 -1.92 -10.45
CA ASN C 51 23.70 -2.52 -10.38
C ASN C 51 23.53 -3.72 -11.32
N ARG C 52 24.52 -4.01 -12.18
CA ARG C 52 24.36 -5.02 -13.21
C ARG C 52 25.44 -6.09 -13.08
N PHE C 53 24.99 -7.34 -13.06
CA PHE C 53 25.86 -8.52 -12.98
C PHE C 53 25.74 -9.24 -14.31
N CYS C 54 26.73 -9.06 -15.17
CA CYS C 54 26.68 -9.55 -16.55
C CYS C 54 27.38 -10.90 -16.65
N LEU C 55 26.67 -11.89 -17.20
CA LEU C 55 27.18 -13.26 -17.29
C LEU C 55 27.72 -13.62 -18.66
N GLY C 56 27.38 -12.86 -19.70
CA GLY C 56 27.81 -13.23 -21.05
C GLY C 56 29.30 -13.20 -21.25
N LEU C 57 30.01 -12.32 -20.53
CA LEU C 57 31.45 -12.20 -20.72
C LEU C 57 32.25 -13.26 -19.99
N LEU C 58 31.62 -14.07 -19.14
CA LEU C 58 32.37 -14.99 -18.30
C LEU C 58 32.79 -16.22 -19.08
N SER C 59 34.02 -16.67 -18.84
CA SER C 59 34.59 -17.84 -19.48
C SER C 59 34.49 -19.04 -18.56
N ASN C 60 34.44 -20.23 -19.19
CA ASN C 60 34.45 -21.49 -18.45
C ASN C 60 35.04 -22.55 -19.36
N VAL C 61 36.19 -23.11 -18.95
CA VAL C 61 36.89 -24.09 -19.78
C VAL C 61 36.17 -25.42 -19.87
N ASN C 62 35.15 -25.64 -19.05
CA ASN C 62 34.36 -26.87 -19.08
C ASN C 62 32.98 -26.68 -19.71
N ARG C 63 32.73 -25.54 -20.35
CA ARG C 63 31.46 -25.27 -20.99
C ARG C 63 31.24 -26.23 -22.17
N ASN C 64 29.98 -26.62 -22.37
CA ASN C 64 29.62 -27.53 -23.47
C ASN C 64 28.48 -26.92 -24.28
N SER C 65 28.05 -27.67 -25.31
CA SER C 65 27.08 -27.16 -26.26
C SER C 65 25.75 -26.82 -25.60
N THR C 66 25.31 -27.66 -24.65
CA THR C 66 24.04 -27.41 -23.97
C THR C 66 24.09 -26.09 -23.20
N ILE C 67 25.19 -25.85 -22.48
CA ILE C 67 25.34 -24.60 -21.74
C ILE C 67 25.38 -23.41 -22.69
N GLU C 68 26.05 -23.56 -23.84
CA GLU C 68 26.16 -22.46 -24.79
C GLU C 68 24.78 -21.97 -25.24
N ASN C 69 23.86 -22.90 -25.51
CA ASN C 69 22.53 -22.51 -25.98
C ASN C 69 21.72 -21.83 -24.90
N THR C 70 21.88 -22.27 -23.64
CA THR C 70 21.12 -21.68 -22.56
C THR C 70 21.56 -20.24 -22.27
N ARG C 71 22.86 -19.97 -22.40
CA ARG C 71 23.33 -18.61 -22.18
C ARG C 71 22.81 -17.66 -23.25
N ARG C 72 22.55 -18.18 -24.46
CA ARG C 72 21.98 -17.35 -25.52
C ARG C 72 20.58 -16.86 -25.17
N HIS C 73 19.87 -17.56 -24.28
CA HIS C 73 18.49 -17.24 -23.94
C HIS C 73 18.33 -16.60 -22.57
N ILE C 74 19.43 -16.29 -21.88
CA ILE C 74 19.31 -15.59 -20.60
C ILE C 74 18.73 -14.20 -20.82
N GLY C 75 19.24 -13.47 -21.81
CA GLY C 75 18.68 -12.19 -22.19
C GLY C 75 18.71 -11.18 -21.06
N LYS C 76 17.60 -10.47 -20.88
CA LYS C 76 17.50 -9.45 -19.83
C LYS C 76 17.57 -10.05 -18.44
N GLY C 77 17.38 -11.36 -18.30
CA GLY C 77 17.67 -12.05 -17.05
C GLY C 77 16.65 -11.84 -15.96
N VAL C 78 17.13 -11.59 -14.75
CA VAL C 78 16.28 -11.47 -13.56
C VAL C 78 16.56 -10.15 -12.87
N HIS C 79 15.50 -9.53 -12.36
CA HIS C 79 15.58 -8.27 -11.61
C HIS C 79 15.32 -8.58 -10.14
N LEU C 80 16.37 -8.48 -9.33
CA LEU C 80 16.25 -8.66 -7.89
C LEU C 80 16.23 -7.28 -7.23
N TYR C 81 15.22 -7.03 -6.41
CA TYR C 81 15.12 -5.74 -5.73
C TYR C 81 14.58 -5.95 -4.32
N TYR C 82 14.86 -4.95 -3.48
CA TYR C 82 14.73 -5.05 -2.02
C TYR C 82 13.92 -3.84 -1.55
N VAL C 83 12.61 -4.04 -1.37
CA VAL C 83 11.71 -2.97 -0.98
C VAL C 83 10.95 -3.38 0.28
N GLY C 84 10.90 -2.48 1.26
CA GLY C 84 10.14 -2.69 2.48
C GLY C 84 10.39 -4.00 3.19
N GLY C 85 11.65 -4.31 3.47
CA GLY C 85 11.97 -5.53 4.19
C GLY C 85 11.55 -6.80 3.47
N GLU C 86 11.45 -6.75 2.14
CA GLU C 86 11.11 -7.91 1.34
C GLU C 86 11.96 -7.90 0.07
N VAL C 87 12.25 -9.10 -0.43
CA VAL C 87 13.07 -9.27 -1.64
C VAL C 87 12.20 -9.89 -2.73
N TYR C 88 12.31 -9.37 -3.94
CA TYR C 88 11.53 -9.86 -5.07
C TYR C 88 12.44 -10.28 -6.21
N ALA C 89 11.98 -11.26 -6.98
CA ALA C 89 12.63 -11.69 -8.20
C ALA C 89 11.65 -11.47 -9.34
N GLU C 90 12.05 -10.67 -10.33
CA GLU C 90 11.23 -10.35 -11.48
C GLU C 90 11.91 -10.88 -12.73
N CYS C 91 11.20 -11.71 -13.49
CA CYS C 91 11.78 -12.40 -14.64
C CYS C 91 11.66 -11.47 -15.85
N LEU C 92 12.74 -10.75 -16.13
CA LEU C 92 12.80 -9.88 -17.30
C LEU C 92 13.18 -10.64 -18.56
N SER C 93 13.72 -11.84 -18.43
CA SER C 93 14.12 -12.64 -19.57
C SER C 93 12.89 -13.08 -20.37
N ASP C 94 13.14 -13.50 -21.61
CA ASP C 94 12.08 -14.07 -22.42
C ASP C 94 11.79 -15.51 -22.06
N SER C 95 12.76 -16.22 -21.49
CA SER C 95 12.56 -17.55 -20.95
C SER C 95 12.32 -17.46 -19.45
N SER C 96 11.74 -18.52 -18.89
CA SER C 96 11.39 -18.51 -17.48
C SER C 96 12.64 -18.68 -16.62
N ILE C 97 12.48 -18.36 -15.33
CA ILE C 97 13.49 -18.63 -14.32
C ILE C 97 12.85 -19.52 -13.26
N PHE C 98 13.69 -20.25 -12.54
CA PHE C 98 13.24 -21.23 -11.55
C PHE C 98 13.97 -20.99 -10.24
N VAL C 99 13.23 -20.51 -9.24
CA VAL C 99 13.80 -20.07 -7.98
C VAL C 99 13.41 -21.07 -6.89
N GLN C 100 14.37 -21.41 -6.04
CA GLN C 100 14.11 -22.21 -4.84
C GLN C 100 14.52 -21.37 -3.63
N SER C 101 13.53 -20.99 -2.83
CA SER C 101 13.75 -20.11 -1.68
C SER C 101 12.99 -20.67 -0.49
N ARG C 102 13.73 -21.18 0.50
CA ARG C 102 13.09 -21.75 1.69
C ARG C 102 12.20 -20.74 2.39
N ASN C 103 12.66 -19.48 2.49
CA ASN C 103 11.83 -18.48 3.12
C ASN C 103 10.53 -18.26 2.34
N CYS C 104 10.63 -18.30 1.00
CA CYS C 104 9.43 -18.18 0.17
C CYS C 104 8.51 -19.38 0.33
N ASN C 105 9.07 -20.59 0.35
CA ASN C 105 8.25 -21.79 0.50
C ASN C 105 7.57 -21.80 1.87
N TYR C 106 8.30 -21.38 2.91
CA TYR C 106 7.74 -21.30 4.26
C TYR C 106 6.59 -20.31 4.31
N HIS C 107 6.71 -19.20 3.56
CA HIS C 107 5.67 -18.18 3.57
C HIS C 107 4.36 -18.70 2.97
N HIS C 108 4.44 -19.33 1.80
CA HIS C 108 3.26 -19.76 1.06
C HIS C 108 2.78 -21.13 1.48
N GLY C 109 3.43 -21.77 2.45
CA GLY C 109 3.07 -23.10 2.88
C GLY C 109 3.59 -24.23 2.00
N PHE C 110 4.43 -23.92 1.01
CA PHE C 110 4.98 -24.94 0.14
C PHE C 110 5.97 -25.83 0.89
N HIS C 111 6.24 -27.00 0.32
CA HIS C 111 7.27 -27.86 0.85
C HIS C 111 8.62 -27.15 0.76
N PRO C 112 9.50 -27.29 1.75
CA PRO C 112 10.76 -26.52 1.73
C PRO C 112 11.62 -26.70 0.50
N THR C 113 11.51 -27.84 -0.19
CA THR C 113 12.34 -28.11 -1.37
C THR C 113 11.73 -27.61 -2.67
N THR C 114 10.59 -26.90 -2.60
CA THR C 114 9.85 -26.54 -3.80
C THR C 114 10.59 -25.54 -4.67
N VAL C 115 10.58 -25.79 -5.97
CA VAL C 115 11.11 -24.86 -6.99
C VAL C 115 9.93 -24.19 -7.68
N CYS C 116 9.96 -22.85 -7.73
CA CYS C 116 8.88 -22.07 -8.33
C CYS C 116 9.29 -21.57 -9.70
N LYS C 117 8.50 -21.89 -10.72
CA LYS C 117 8.68 -21.34 -12.06
C LYS C 117 8.16 -19.92 -12.11
N ILE C 118 9.03 -18.98 -12.48
CA ILE C 118 8.60 -17.59 -12.71
C ILE C 118 8.58 -17.34 -14.22
N PRO C 119 7.40 -17.28 -14.84
CA PRO C 119 7.33 -16.99 -16.27
C PRO C 119 7.75 -15.55 -16.57
N SER C 120 8.08 -15.32 -17.85
CA SER C 120 8.50 -14.00 -18.29
C SER C 120 7.46 -12.94 -17.94
N GLY C 121 7.92 -11.87 -17.30
CA GLY C 121 7.06 -10.78 -16.91
C GLY C 121 6.51 -10.90 -15.50
N CYS C 122 6.67 -12.04 -14.85
CA CYS C 122 6.13 -12.26 -13.53
C CYS C 122 7.17 -11.96 -12.45
N SER C 123 6.70 -11.63 -11.26
CA SER C 123 7.54 -11.38 -10.11
C SER C 123 7.09 -12.26 -8.96
N LEU C 124 8.07 -12.68 -8.14
CA LEU C 124 7.80 -13.52 -6.99
C LEU C 124 8.51 -12.95 -5.78
N LYS C 125 7.80 -12.89 -4.65
CA LYS C 125 8.41 -12.46 -3.41
C LYS C 125 9.19 -13.64 -2.84
N ILE C 126 10.52 -13.50 -2.78
CA ILE C 126 11.41 -14.60 -2.45
C ILE C 126 12.01 -14.47 -1.07
N PHE C 127 11.67 -13.42 -0.33
CA PHE C 127 12.09 -13.34 1.07
C PHE C 127 11.24 -12.32 1.80
N ASN C 128 11.03 -12.58 3.10
CA ASN C 128 10.35 -11.66 4.00
C ASN C 128 11.16 -11.57 5.28
N ASN C 129 11.61 -10.36 5.61
CA ASN C 129 12.51 -10.19 6.74
C ASN C 129 11.83 -10.52 8.06
N GLN C 130 10.63 -10.00 8.29
CA GLN C 130 9.97 -10.14 9.58
C GLN C 130 9.65 -11.60 9.89
N GLU C 131 9.24 -12.37 8.87
CA GLU C 131 9.01 -13.79 9.07
C GLU C 131 10.30 -14.50 9.46
N PHE C 132 11.41 -14.17 8.80
CA PHE C 132 12.70 -14.73 9.18
C PHE C 132 13.08 -14.33 10.60
N ALA C 133 12.98 -13.03 10.91
CA ALA C 133 13.32 -12.56 12.26
C ALA C 133 12.46 -13.25 13.31
N GLN C 134 11.17 -13.49 13.00
CA GLN C 134 10.31 -14.19 13.94
C GLN C 134 10.72 -15.65 14.08
N LEU C 135 11.01 -16.32 12.96
CA LEU C 135 11.49 -17.70 13.02
C LEU C 135 12.78 -17.80 13.80
N LEU C 136 13.66 -16.81 13.66
CA LEU C 136 14.92 -16.80 14.40
C LEU C 136 14.67 -16.74 15.90
N ALA C 137 13.80 -15.83 16.34
CA ALA C 137 13.52 -15.68 17.77
C ALA C 137 12.89 -16.93 18.36
N GLN C 138 12.00 -17.58 17.61
CA GLN C 138 11.38 -18.80 18.08
C GLN C 138 12.37 -19.97 18.15
N SER C 139 13.40 -19.94 17.29
CA SER C 139 14.33 -21.06 17.16
C SER C 139 15.31 -21.17 18.31
N VAL C 140 15.53 -20.09 19.07
CA VAL C 140 16.57 -20.11 20.10
C VAL C 140 16.24 -21.14 21.18
N ASN C 141 14.95 -21.37 21.44
CA ASN C 141 14.52 -22.29 22.48
C ASN C 141 14.49 -23.75 22.02
N HIS C 142 14.93 -24.03 20.80
CA HIS C 142 14.98 -25.40 20.27
C HIS C 142 16.39 -25.97 20.21
N GLY C 143 17.39 -25.24 20.69
CA GLY C 143 18.75 -25.74 20.72
C GLY C 143 19.62 -25.13 19.63
N PHE C 144 20.93 -25.40 19.76
CA PHE C 144 21.91 -24.85 18.83
C PHE C 144 21.65 -25.32 17.40
N GLU C 145 21.38 -26.61 17.22
CA GLU C 145 21.22 -27.16 15.88
C GLU C 145 20.09 -26.46 15.12
N THR C 146 19.00 -26.11 15.82
CA THR C 146 17.86 -25.48 15.16
C THR C 146 18.23 -24.10 14.61
N VAL C 147 19.02 -23.33 15.36
CA VAL C 147 19.39 -22.00 14.88
C VAL C 147 20.44 -22.11 13.77
N TYR C 148 21.37 -23.06 13.88
CA TYR C 148 22.39 -23.22 12.87
C TYR C 148 21.81 -23.64 11.52
N GLU C 149 20.66 -24.32 11.53
CA GLU C 149 19.98 -24.70 10.30
C GLU C 149 19.47 -23.49 9.53
N LEU C 150 19.28 -22.35 10.21
CA LEU C 150 18.67 -21.19 9.58
C LEU C 150 19.57 -20.52 8.54
N THR C 151 20.88 -20.82 8.53
CA THR C 151 21.75 -20.27 7.49
C THR C 151 21.25 -20.65 6.09
N LYS C 152 20.76 -21.88 5.94
CA LYS C 152 20.27 -22.30 4.62
C LYS C 152 19.09 -21.46 4.15
N MET C 153 18.32 -20.89 5.09
CA MET C 153 17.19 -20.05 4.68
C MET C 153 17.67 -18.70 4.13
N CYS C 154 18.91 -18.32 4.40
CA CYS C 154 19.47 -17.07 3.93
C CYS C 154 20.04 -17.17 2.52
N THR C 155 19.91 -18.33 1.88
CA THR C 155 20.40 -18.53 0.52
C THR C 155 19.22 -18.85 -0.39
N ILE C 156 19.27 -18.33 -1.61
CA ILE C 156 18.26 -18.58 -2.64
C ILE C 156 18.96 -19.01 -3.91
N ARG C 157 18.57 -20.17 -4.44
CA ARG C 157 19.12 -20.68 -5.69
C ARG C 157 18.10 -20.50 -6.82
N MET C 158 18.63 -20.32 -8.03
CA MET C 158 17.80 -19.90 -9.16
C MET C 158 18.54 -20.21 -10.45
N SER C 159 17.83 -20.81 -11.41
CA SER C 159 18.40 -21.17 -12.69
C SER C 159 17.63 -20.47 -13.81
N PHE C 160 18.32 -20.25 -14.92
CA PHE C 160 17.74 -19.64 -16.10
C PHE C 160 17.30 -20.72 -17.09
N VAL C 161 16.13 -20.50 -17.70
CA VAL C 161 15.63 -21.29 -18.83
C VAL C 161 15.17 -22.68 -18.40
N LYS C 162 16.06 -23.46 -17.79
CA LYS C 162 15.80 -24.87 -17.54
C LYS C 162 15.28 -25.09 -16.13
N GLY C 163 14.24 -25.92 -16.02
CA GLY C 163 13.67 -26.23 -14.72
C GLY C 163 14.39 -27.37 -14.02
N TRP C 164 14.11 -27.48 -12.72
CA TRP C 164 14.65 -28.55 -11.90
C TRP C 164 13.71 -28.77 -10.72
N GLY C 165 13.89 -29.91 -10.05
CA GLY C 165 13.01 -30.27 -8.96
C GLY C 165 12.26 -31.56 -9.20
N ALA C 166 11.11 -31.71 -8.55
CA ALA C 166 10.39 -32.99 -8.58
C ALA C 166 9.94 -33.34 -10.01
N GLU C 167 9.38 -32.37 -10.73
CA GLU C 167 8.78 -32.65 -12.02
C GLU C 167 9.81 -32.90 -13.12
N TYR C 168 11.03 -32.38 -12.98
CA TYR C 168 12.01 -32.36 -14.05
C TYR C 168 13.04 -33.47 -13.90
N HIS C 169 13.62 -33.84 -15.05
CA HIS C 169 14.69 -34.83 -15.06
C HIS C 169 15.89 -34.38 -14.25
N ARG C 170 16.17 -33.07 -14.28
CA ARG C 170 17.22 -32.47 -13.45
C ARG C 170 16.70 -32.36 -12.02
N GLN C 171 17.18 -33.23 -11.13
CA GLN C 171 16.67 -33.21 -9.76
C GLN C 171 17.29 -32.07 -8.94
N ASP C 172 18.59 -31.86 -9.05
CA ASP C 172 19.28 -30.82 -8.31
C ASP C 172 19.66 -29.67 -9.23
N VAL C 173 19.82 -28.48 -8.64
CA VAL C 173 20.19 -27.31 -9.42
C VAL C 173 21.55 -27.47 -10.09
N THR C 174 22.42 -28.32 -9.54
CA THR C 174 23.72 -28.56 -10.14
C THR C 174 23.62 -29.30 -11.48
N SER C 175 22.41 -29.74 -11.86
CA SER C 175 22.18 -30.34 -13.16
C SER C 175 21.71 -29.32 -14.21
N THR C 176 21.40 -28.09 -13.80
CA THR C 176 21.02 -27.03 -14.72
C THR C 176 22.26 -26.34 -15.29
N PRO C 177 22.20 -25.90 -16.55
CA PRO C 177 23.40 -25.33 -17.19
C PRO C 177 23.73 -23.92 -16.72
N CYS C 178 22.74 -23.16 -16.26
CA CYS C 178 22.96 -21.77 -15.83
C CYS C 178 22.15 -21.51 -14.59
N TRP C 179 22.81 -21.34 -13.45
CA TRP C 179 22.11 -20.96 -12.23
C TRP C 179 23.00 -20.07 -11.36
N ILE C 180 22.36 -19.40 -10.41
CA ILE C 180 23.03 -18.50 -9.48
C ILE C 180 22.57 -18.82 -8.05
N GLU C 181 23.39 -18.40 -7.09
CA GLU C 181 23.09 -18.52 -5.66
C GLU C 181 23.21 -17.14 -5.02
N ILE C 182 22.16 -16.73 -4.30
CA ILE C 182 22.09 -15.42 -3.68
C ILE C 182 22.21 -15.58 -2.17
N HIS C 183 23.04 -14.75 -1.55
CA HIS C 183 23.20 -14.70 -0.10
C HIS C 183 22.65 -13.38 0.43
N LEU C 184 21.66 -13.45 1.32
CA LEU C 184 21.02 -12.26 1.87
C LEU C 184 21.80 -11.85 3.13
N HIS C 185 22.59 -10.78 3.02
CA HIS C 185 23.53 -10.43 4.06
C HIS C 185 22.85 -9.90 5.32
N GLY C 186 21.69 -9.26 5.16
CA GLY C 186 20.93 -8.81 6.30
C GLY C 186 20.58 -9.95 7.23
N PRO C 187 19.78 -10.90 6.72
CA PRO C 187 19.47 -12.11 7.51
C PRO C 187 20.69 -12.83 8.06
N LEU C 188 21.74 -12.96 7.25
CA LEU C 188 22.96 -13.60 7.73
C LEU C 188 23.56 -12.83 8.90
N GLN C 189 23.48 -11.50 8.87
CA GLN C 189 24.01 -10.69 9.96
C GLN C 189 23.20 -10.87 11.24
N TRP C 190 21.87 -10.82 11.14
CA TRP C 190 21.03 -11.00 12.33
C TRP C 190 21.21 -12.38 12.92
N LEU C 191 21.34 -13.39 12.07
CA LEU C 191 21.60 -14.75 12.55
C LEU C 191 22.94 -14.83 13.27
N ASP C 192 23.97 -14.14 12.75
CA ASP C 192 25.29 -14.16 13.37
C ASP C 192 25.24 -13.70 14.82
N LYS C 193 24.50 -12.63 15.10
CA LYS C 193 24.46 -12.09 16.45
C LYS C 193 23.73 -13.00 17.42
N VAL C 194 22.94 -13.95 16.91
CA VAL C 194 22.32 -14.96 17.76
C VAL C 194 23.20 -16.19 17.89
N LEU C 195 23.81 -16.64 16.79
CA LEU C 195 24.62 -17.86 16.82
C LEU C 195 25.82 -17.74 17.76
N THR C 196 26.40 -16.55 17.87
CA THR C 196 27.56 -16.40 18.74
C THR C 196 27.19 -16.51 20.22
N GLN C 197 25.89 -16.52 20.53
CA GLN C 197 25.42 -16.60 21.91
C GLN C 197 24.76 -17.95 22.21
N MET C 198 24.83 -18.91 21.28
CA MET C 198 24.20 -20.21 21.47
C MET C 198 25.16 -21.27 21.95
N GLY C 199 26.42 -20.92 22.23
CA GLY C 199 27.37 -21.91 22.69
C GLY C 199 27.81 -22.85 21.59
N SER C 200 27.92 -24.12 21.94
CA SER C 200 28.52 -25.16 21.10
C SER C 200 27.55 -26.32 20.97
N PRO C 201 27.82 -27.25 20.05
CA PRO C 201 26.93 -28.40 19.90
C PRO C 201 26.97 -29.32 21.10
N HIS C 202 25.83 -29.95 21.38
CA HIS C 202 25.72 -30.91 22.48
C HIS C 202 26.16 -32.30 22.02
N ASN C 203 27.33 -32.35 21.38
CA ASN C 203 27.95 -33.59 20.95
C ASN C 203 29.46 -33.42 21.02
N PRO C 204 30.19 -34.52 21.09
CA PRO C 204 31.65 -34.44 21.00
C PRO C 204 32.10 -34.72 19.57
N ILE C 205 33.33 -34.38 19.21
CA ILE C 205 33.86 -34.68 17.89
C ILE C 205 35.31 -35.12 18.04
N SER C 206 35.66 -36.22 17.39
CA SER C 206 37.01 -36.77 17.44
C SER C 206 37.94 -35.97 16.53
N GLU C 207 39.23 -36.13 16.78
CA GLU C 207 40.26 -35.54 15.94
C GLU C 207 40.87 -36.52 14.95
N VAL C 208 40.51 -37.81 15.03
CA VAL C 208 41.14 -38.85 14.23
C VAL C 208 40.19 -39.39 13.16
N GLU C 209 38.95 -39.67 13.52
CA GLU C 209 37.98 -40.18 12.55
C GLU C 209 37.31 -39.04 11.79
N SER D 4 -0.98 -7.72 -20.20
CA SER D 4 -2.03 -7.13 -19.38
C SER D 4 -2.48 -8.10 -18.29
N LYS D 5 -3.80 -8.29 -18.18
CA LYS D 5 -4.39 -9.15 -17.15
C LYS D 5 -4.60 -10.56 -17.72
N VAL D 6 -3.51 -11.31 -17.82
CA VAL D 6 -3.52 -12.62 -18.46
C VAL D 6 -2.96 -13.66 -17.48
N TRP D 7 -3.39 -14.91 -17.65
CA TRP D 7 -2.80 -16.02 -16.93
C TRP D 7 -1.59 -16.56 -17.67
N GLN D 8 -0.56 -16.95 -16.92
CA GLN D 8 0.70 -17.44 -17.48
C GLN D 8 1.10 -18.76 -16.82
N GLY D 9 0.16 -19.69 -16.73
CA GLY D 9 0.47 -21.01 -16.23
C GLY D 9 0.68 -21.01 -14.72
N GLN D 10 1.23 -22.13 -14.22
CA GLN D 10 1.45 -22.31 -12.79
C GLN D 10 2.93 -22.48 -12.48
N ALA D 11 3.28 -22.14 -11.24
CA ALA D 11 4.66 -22.20 -10.77
C ALA D 11 5.16 -23.63 -10.54
N PHE D 12 4.27 -24.59 -10.36
CA PHE D 12 4.65 -25.97 -10.09
C PHE D 12 3.45 -26.89 -10.28
N HIS D 13 3.72 -28.19 -10.23
CA HIS D 13 2.67 -29.20 -10.35
C HIS D 13 2.07 -29.44 -8.98
N LEU D 14 0.74 -29.40 -8.91
CA LEU D 14 -0.01 -29.39 -7.66
C LEU D 14 -0.12 -30.79 -7.04
N ASP D 15 0.69 -31.04 -6.00
CA ASP D 15 0.56 -32.22 -5.17
C ASP D 15 1.06 -31.91 -3.76
N ARG D 16 2.19 -32.48 -3.37
CA ARG D 16 2.83 -32.20 -2.08
C ARG D 16 1.88 -32.19 -0.88
N PRO D 20 -3.18 -28.40 -0.19
CA PRO D 20 -4.03 -29.24 0.67
C PRO D 20 -4.57 -30.47 -0.05
N PRO D 21 -4.40 -31.65 0.58
CA PRO D 21 -4.86 -32.89 -0.07
C PRO D 21 -6.36 -33.02 -0.18
N ASN D 22 -7.13 -32.42 0.72
CA ASN D 22 -8.55 -32.73 0.84
C ASN D 22 -9.38 -31.48 1.02
N SER D 23 -10.45 -31.37 0.23
CA SER D 23 -11.40 -30.26 0.32
C SER D 23 -12.39 -30.54 1.44
N LEU D 24 -12.17 -29.95 2.61
CA LEU D 24 -13.05 -30.13 3.75
C LEU D 24 -14.07 -29.02 3.91
N THR D 25 -14.07 -28.03 3.02
CA THR D 25 -14.99 -26.91 3.06
C THR D 25 -15.34 -26.52 1.63
N PRO D 26 -16.48 -25.86 1.43
CA PRO D 26 -16.82 -25.34 0.09
C PRO D 26 -16.41 -23.89 -0.16
N CYS D 27 -15.63 -23.28 0.74
CA CYS D 27 -15.31 -21.87 0.68
C CYS D 27 -13.82 -21.66 0.54
N LEU D 28 -13.42 -20.72 -0.31
CA LEU D 28 -12.02 -20.41 -0.59
C LEU D 28 -11.75 -18.94 -0.31
N LYS D 29 -10.48 -18.64 -0.02
CA LYS D 29 -9.98 -17.27 -0.08
C LYS D 29 -8.82 -17.24 -1.05
N ILE D 30 -8.94 -16.43 -2.09
CA ILE D 30 -7.94 -16.33 -3.13
C ILE D 30 -7.16 -15.05 -2.89
N ARG D 31 -5.83 -15.12 -2.92
CA ARG D 31 -5.00 -13.98 -2.56
C ARG D 31 -4.04 -13.68 -3.70
N ASN D 32 -3.52 -12.44 -3.69
CA ASN D 32 -2.51 -11.97 -4.63
C ASN D 32 -3.07 -11.86 -6.05
N MET D 33 -4.32 -11.41 -6.17
CA MET D 33 -4.99 -11.27 -7.44
C MET D 33 -4.91 -9.87 -8.03
N PHE D 34 -4.49 -8.89 -7.25
CA PHE D 34 -4.46 -7.48 -7.66
C PHE D 34 -3.79 -6.68 -6.55
N ASP D 35 -3.65 -5.38 -6.79
CA ASP D 35 -3.25 -4.43 -5.75
C ASP D 35 -4.25 -3.27 -5.81
N PRO D 36 -5.06 -3.06 -4.78
CA PRO D 36 -6.12 -2.03 -4.87
C PRO D 36 -5.60 -0.62 -5.03
N VAL D 37 -4.35 -0.34 -4.63
CA VAL D 37 -3.81 1.01 -4.76
C VAL D 37 -3.44 1.35 -6.20
N MET D 38 -3.43 0.37 -7.10
CA MET D 38 -3.17 0.61 -8.52
C MET D 38 -4.41 0.47 -9.38
N GLU D 39 -5.60 0.38 -8.77
CA GLU D 39 -6.85 0.31 -9.51
C GLU D 39 -7.64 1.59 -9.30
N ILE D 40 -8.40 1.99 -10.33
CA ILE D 40 -9.18 3.21 -10.30
C ILE D 40 -10.63 2.91 -10.69
N GLY D 41 -11.53 3.78 -10.25
CA GLY D 41 -12.95 3.58 -10.46
C GLY D 41 -13.55 2.54 -9.53
N ASP D 42 -14.84 2.24 -9.77
CA ASP D 42 -15.54 1.21 -9.02
C ASP D 42 -16.10 0.13 -9.92
N GLN D 43 -15.52 -0.07 -11.10
CA GLN D 43 -15.82 -1.24 -11.92
C GLN D 43 -14.67 -2.24 -11.98
N TRP D 44 -13.50 -1.91 -11.43
CA TRP D 44 -12.35 -2.79 -11.58
C TRP D 44 -12.53 -4.08 -10.82
N HIS D 45 -13.32 -4.07 -9.74
CA HIS D 45 -13.54 -5.31 -9.00
C HIS D 45 -14.34 -6.30 -9.83
N LEU D 46 -15.20 -5.80 -10.72
CA LEU D 46 -16.00 -6.67 -11.58
C LEU D 46 -15.11 -7.45 -12.54
N ALA D 47 -14.08 -6.79 -13.10
CA ALA D 47 -13.17 -7.46 -14.01
C ALA D 47 -12.35 -8.53 -13.31
N ILE D 48 -12.11 -8.38 -12.01
CA ILE D 48 -11.41 -9.40 -11.25
C ILE D 48 -12.29 -10.63 -11.10
N GLN D 49 -13.59 -10.42 -10.86
CA GLN D 49 -14.53 -11.55 -10.77
C GLN D 49 -14.54 -12.37 -12.06
N GLU D 50 -14.55 -11.69 -13.21
CA GLU D 50 -14.63 -12.40 -14.49
C GLU D 50 -13.38 -13.22 -14.75
N ALA D 51 -12.21 -12.71 -14.35
CA ALA D 51 -10.98 -13.48 -14.54
C ALA D 51 -11.02 -14.79 -13.76
N ILE D 52 -11.62 -14.78 -12.58
CA ILE D 52 -11.76 -16.01 -11.81
C ILE D 52 -12.78 -16.93 -12.46
N LEU D 53 -13.87 -16.35 -12.99
CA LEU D 53 -14.89 -17.17 -13.63
C LEU D 53 -14.39 -17.72 -14.95
N GLU D 54 -13.59 -16.95 -15.68
CA GLU D 54 -13.02 -17.44 -16.94
C GLU D 54 -12.03 -18.58 -16.68
N LYS D 55 -11.21 -18.47 -15.63
CA LYS D 55 -10.29 -19.54 -15.30
C LYS D 55 -11.02 -20.76 -14.76
N CYS D 56 -12.23 -20.58 -14.25
CA CYS D 56 -13.08 -21.68 -13.80
C CYS D 56 -14.32 -21.81 -14.69
N SER D 57 -14.14 -21.61 -16.00
CA SER D 57 -15.25 -21.73 -16.94
C SER D 57 -15.86 -23.13 -16.92
N ASP D 58 -15.04 -24.15 -16.64
CA ASP D 58 -15.52 -25.52 -16.58
C ASP D 58 -16.40 -25.75 -15.36
N ASN D 59 -16.21 -24.96 -14.30
CA ASN D 59 -16.83 -25.20 -13.01
C ASN D 59 -18.24 -24.62 -13.00
N ASP D 60 -19.24 -25.49 -12.80
CA ASP D 60 -20.64 -25.08 -12.67
C ASP D 60 -21.06 -24.98 -11.21
N GLY D 61 -20.15 -24.61 -10.32
CA GLY D 61 -20.45 -24.65 -8.90
C GLY D 61 -20.11 -23.42 -8.09
N ILE D 62 -19.46 -22.43 -8.71
CA ILE D 62 -19.20 -21.19 -7.98
C ILE D 62 -20.50 -20.41 -7.87
N VAL D 63 -20.77 -19.90 -6.67
CA VAL D 63 -22.11 -19.40 -6.37
C VAL D 63 -22.09 -17.97 -5.84
N HIS D 64 -21.12 -17.64 -5.00
CA HIS D 64 -21.00 -16.29 -4.47
C HIS D 64 -19.55 -15.86 -4.51
N ILE D 65 -19.30 -14.65 -4.99
CA ILE D 65 -17.95 -14.11 -5.10
C ILE D 65 -17.94 -12.69 -4.56
N ALA D 66 -16.96 -12.39 -3.72
CA ALA D 66 -16.75 -11.05 -3.17
C ALA D 66 -15.26 -10.75 -3.17
N VAL D 67 -14.86 -9.68 -3.85
CA VAL D 67 -13.47 -9.24 -3.87
C VAL D 67 -13.33 -8.09 -2.88
N ASP D 68 -12.30 -8.16 -2.05
CA ASP D 68 -12.02 -7.15 -1.04
C ASP D 68 -11.28 -5.98 -1.68
N LYS D 69 -11.88 -4.79 -1.64
CA LYS D 69 -11.28 -3.61 -2.25
C LYS D 69 -10.37 -2.85 -1.28
N ASN D 70 -10.17 -3.36 -0.07
CA ASN D 70 -9.37 -2.66 0.93
C ASN D 70 -8.08 -3.37 1.27
N SER D 71 -8.08 -4.71 1.33
CA SER D 71 -6.89 -5.44 1.70
C SER D 71 -5.79 -5.27 0.65
N ARG D 72 -4.59 -4.92 1.12
CA ARG D 72 -3.44 -4.84 0.22
C ARG D 72 -2.95 -6.21 -0.23
N GLU D 73 -3.48 -7.28 0.37
CA GLU D 73 -3.17 -8.64 -0.05
C GLU D 73 -3.83 -9.03 -1.37
N GLY D 74 -4.82 -8.27 -1.83
CA GLY D 74 -5.51 -8.62 -3.07
C GLY D 74 -6.36 -9.86 -2.97
N CYS D 75 -7.23 -9.92 -1.96
CA CYS D 75 -8.01 -11.12 -1.66
C CYS D 75 -9.36 -11.12 -2.39
N VAL D 76 -9.79 -12.33 -2.75
CA VAL D 76 -11.12 -12.57 -3.29
C VAL D 76 -11.72 -13.79 -2.57
N TYR D 77 -12.97 -13.65 -2.12
CA TYR D 77 -13.66 -14.74 -1.42
C TYR D 77 -14.68 -15.38 -2.36
N VAL D 78 -14.80 -16.70 -2.30
CA VAL D 78 -15.72 -17.44 -3.15
C VAL D 78 -16.42 -18.52 -2.32
N LYS D 79 -17.67 -18.78 -2.68
CA LYS D 79 -18.44 -19.90 -2.14
C LYS D 79 -18.88 -20.82 -3.27
N CYS D 80 -18.83 -22.11 -3.01
CA CYS D 80 -19.28 -23.11 -3.95
C CYS D 80 -20.37 -23.97 -3.29
N LEU D 81 -21.01 -24.80 -4.09
CA LEU D 81 -22.08 -25.65 -3.56
C LEU D 81 -21.51 -26.74 -2.65
N SER D 82 -20.52 -27.46 -3.13
CA SER D 82 -19.90 -28.55 -2.39
C SER D 82 -18.39 -28.35 -2.37
N PRO D 83 -17.69 -28.96 -1.40
CA PRO D 83 -16.22 -28.85 -1.39
C PRO D 83 -15.55 -29.42 -2.63
N GLU D 84 -16.20 -30.34 -3.34
CA GLU D 84 -15.62 -30.90 -4.55
C GLU D 84 -15.57 -29.86 -5.66
N TYR D 85 -16.62 -29.03 -5.78
CA TYR D 85 -16.54 -27.89 -6.69
C TYR D 85 -15.47 -26.91 -6.25
N ALA D 86 -15.37 -26.66 -4.94
CA ALA D 86 -14.32 -25.79 -4.42
C ALA D 86 -12.94 -26.36 -4.69
N GLY D 87 -12.81 -27.70 -4.63
CA GLY D 87 -11.54 -28.32 -4.99
C GLY D 87 -11.23 -28.19 -6.46
N LYS D 88 -12.26 -28.24 -7.31
CA LYS D 88 -12.06 -28.03 -8.74
C LYS D 88 -11.64 -26.60 -9.02
N ALA D 89 -12.20 -25.63 -8.29
CA ALA D 89 -11.76 -24.25 -8.42
C ALA D 89 -10.37 -24.03 -7.81
N PHE D 90 -10.04 -24.77 -6.75
CA PHE D 90 -8.72 -24.67 -6.13
C PHE D 90 -7.62 -25.02 -7.14
N LYS D 91 -7.77 -26.13 -7.86
CA LYS D 91 -6.73 -26.56 -8.79
C LYS D 91 -6.50 -25.54 -9.89
N ALA D 92 -7.56 -24.86 -10.33
CA ALA D 92 -7.43 -23.90 -11.42
C ALA D 92 -6.68 -22.65 -10.98
N LEU D 93 -6.78 -22.27 -9.70
CA LEU D 93 -6.27 -20.99 -9.24
C LEU D 93 -4.98 -21.11 -8.42
N HIS D 94 -4.89 -22.10 -7.53
CA HIS D 94 -3.74 -22.19 -6.64
C HIS D 94 -2.45 -22.44 -7.42
N GLY D 95 -1.45 -21.60 -7.16
CA GLY D 95 -0.15 -21.71 -7.79
C GLY D 95 -0.08 -21.22 -9.21
N SER D 96 -1.12 -20.57 -9.72
CA SER D 96 -1.14 -20.05 -11.08
C SER D 96 -0.81 -18.57 -11.09
N TRP D 97 -0.38 -18.09 -12.25
CA TRP D 97 0.12 -16.74 -12.44
C TRP D 97 -0.95 -15.89 -13.11
N PHE D 98 -1.33 -14.78 -12.45
CA PHE D 98 -2.27 -13.83 -13.03
C PHE D 98 -1.71 -12.42 -12.87
N ASP D 99 -1.71 -11.67 -13.98
CA ASP D 99 -1.18 -10.31 -14.02
C ASP D 99 0.19 -10.22 -13.37
N GLY D 100 1.02 -11.24 -13.61
CA GLY D 100 2.37 -11.24 -13.10
C GLY D 100 2.50 -11.58 -11.64
N LYS D 101 1.43 -12.03 -10.98
CA LYS D 101 1.44 -12.34 -9.57
C LYS D 101 1.08 -13.80 -9.36
N LEU D 102 1.64 -14.40 -8.31
CA LEU D 102 1.43 -15.82 -8.04
C LEU D 102 0.23 -15.96 -7.11
N VAL D 103 -0.79 -16.66 -7.58
CA VAL D 103 -2.04 -16.79 -6.84
C VAL D 103 -1.97 -18.02 -5.94
N THR D 104 -2.34 -17.84 -4.67
CA THR D 104 -2.45 -18.94 -3.73
C THR D 104 -3.84 -18.93 -3.11
N VAL D 105 -4.31 -20.11 -2.71
CA VAL D 105 -5.67 -20.28 -2.21
C VAL D 105 -5.63 -21.00 -0.87
N LYS D 106 -6.53 -20.60 0.03
CA LYS D 106 -6.73 -21.27 1.30
C LYS D 106 -8.22 -21.54 1.46
N TYR D 107 -8.55 -22.69 2.06
CA TYR D 107 -9.94 -23.04 2.31
C TYR D 107 -10.47 -22.30 3.54
N LEU D 108 -11.74 -21.92 3.49
CA LEU D 108 -12.39 -21.24 4.60
C LEU D 108 -13.59 -22.04 5.07
N ARG D 109 -13.82 -22.04 6.37
CA ARG D 109 -14.99 -22.70 6.92
C ARG D 109 -16.24 -21.93 6.55
N LEU D 110 -17.35 -22.67 6.36
CA LEU D 110 -18.56 -22.06 5.84
C LEU D 110 -19.23 -21.17 6.87
N ASP D 111 -19.20 -21.56 8.15
CA ASP D 111 -19.85 -20.76 9.19
C ASP D 111 -19.25 -19.36 9.26
N ARG D 112 -17.92 -19.26 9.28
CA ARG D 112 -17.30 -17.94 9.33
C ARG D 112 -17.51 -17.18 8.02
N TYR D 113 -17.58 -17.90 6.90
CA TYR D 113 -17.84 -17.25 5.62
C TYR D 113 -19.20 -16.57 5.62
N HIS D 114 -20.24 -17.29 6.03
CA HIS D 114 -21.57 -16.70 6.10
C HIS D 114 -21.65 -15.57 7.11
N HIS D 115 -20.88 -15.68 8.20
CA HIS D 115 -20.91 -14.64 9.22
C HIS D 115 -20.42 -13.30 8.66
N ARG D 116 -19.42 -13.33 7.78
CA ARG D 116 -18.86 -12.11 7.20
C ARG D 116 -19.65 -11.64 5.98
N PHE D 117 -20.10 -12.57 5.14
CA PHE D 117 -20.92 -12.28 3.97
C PHE D 117 -22.28 -12.93 4.16
N PRO D 118 -23.19 -12.29 4.90
CA PRO D 118 -24.53 -12.89 5.09
C PRO D 118 -25.35 -12.93 3.82
N GLN D 119 -25.08 -12.05 2.86
CA GLN D 119 -25.77 -12.09 1.57
C GLN D 119 -25.59 -13.42 0.86
N ALA D 120 -24.53 -14.17 1.18
CA ALA D 120 -24.19 -15.38 0.46
C ALA D 120 -25.13 -16.54 0.76
N LEU D 121 -25.97 -16.43 1.80
CA LEU D 121 -26.92 -17.49 2.11
C LEU D 121 -27.93 -17.68 1.00
N THR D 122 -28.48 -16.57 0.49
CA THR D 122 -29.48 -16.67 -0.58
C THR D 122 -28.86 -17.14 -1.88
N SER D 123 -27.59 -16.78 -2.11
CA SER D 123 -26.85 -17.20 -3.29
C SER D 123 -26.78 -18.72 -3.44
N ASN D 124 -27.49 -19.26 -4.43
CA ASN D 124 -27.34 -20.67 -4.80
C ASN D 124 -27.36 -20.91 -6.30
N THR D 125 -27.56 -19.89 -7.14
CA THR D 125 -27.44 -20.23 -8.54
C THR D 125 -25.99 -20.06 -9.01
N PRO D 126 -25.50 -20.95 -9.87
CA PRO D 126 -24.10 -20.89 -10.28
C PRO D 126 -23.78 -19.63 -11.08
N LEU D 127 -22.52 -19.19 -10.98
CA LEU D 127 -22.02 -18.03 -11.69
C LEU D 127 -21.15 -18.45 -12.87
N LYS D 128 -21.19 -17.64 -13.92
CA LYS D 128 -20.58 -17.94 -15.21
C LYS D 128 -20.01 -16.65 -15.79
N PRO D 129 -19.04 -16.76 -16.69
CA PRO D 129 -18.50 -15.55 -17.32
C PRO D 129 -19.44 -15.03 -18.40
N SER D 130 -19.12 -13.81 -18.87
CA SER D 130 -19.91 -13.15 -19.89
C SER D 130 -19.26 -13.28 -21.26
#